data_8X9G
#
_entry.id   8X9G
#
_cell.length_a   112.613
_cell.length_b   75.437
_cell.length_c   72.176
_cell.angle_alpha   90.00
_cell.angle_beta   111.85
_cell.angle_gamma   90.00
#
_symmetry.space_group_name_H-M   'C 1 2 1'
#
loop_
_entity.id
_entity.type
_entity.pdbx_description
1 polymer 'Carbon monoxide dehydrogenase 2'
2 non-polymer 'IRON/SULFUR CLUSTER'
3 non-polymer 'FE2/S2 (INORGANIC) CLUSTER'
4 non-polymer 'FE(4)-NI(1)-S(4) CLUSTER'
5 non-polymer 'TRIETHYLENE GLYCOL'
6 non-polymer 1-(phenylmethyl)-4-[1-(phenylmethyl)pyridin-1-ium-4-yl]pyridin-1-ium
7 water water
#
_entity_poly.entity_id   1
_entity_poly.type   'polypeptide(L)'
_entity_poly.pdbx_seq_one_letter_code
;MGSSHHHHHHSSGLVPRGSHMAKQNLKSTDRAVQQMLDKAKREGIQTVWDRYEAMKPQCGFGETGLCCRHCLQGPCGILP
FGDEPKVGICGATAEVIVARGLDRSIAAGAAGHSGHAKHLAHTLKKAVQGKAASYMIKDRTKLHSIAKRLGIPTEGQKDE
DIALEVAKAALADFHEKDTPVLWVTTVLPPSRVKVLSAHGLIPAGIDHEIAEIMHRTSMGCDADAQNLLLGGLRCSLADL
AGCYMGTDLADILFGTPAPVVTESNLGVLKADAVNVAVHGHNPVLSDIIVSVSKEMENEARAAGATGINVVGICCTGNEV
LMRHGIPACTHSVSQEMAMITGALDAMILDYQCIQPSVATIAECTGTTVITTMEMSKITGATHVNFAEEAAVENAKQILR
LAIDTFKRRKGKPVEIPNIKTKVVAGFSTEAIINALSKLNANDPLKPLIDNVVNGNIRGVCLFAGCNNVKVPQDQNFTTI
ARKLLKQNVLVVATGCGAGALMRHGFMDPANVDELCGDGLKAVLTAIGEANGLGGPLPPVLHMGSCVDNSRAVALVAALA
NRLGVDLDRLPVVASAAEAMHEKAVAIGTWAVTIGLPTHIGVLPPITGSLPVTQILTSSVKDITGGYFIVELDPETAADK
LLAAINERRAGLGLPW
;
_entity_poly.pdbx_strand_id   A
#
loop_
_chem_comp.id
_chem_comp.type
_chem_comp.name
_chem_comp.formula
FES non-polymer 'FE2/S2 (INORGANIC) CLUSTER' 'Fe2 S2'
PGE non-polymer 'TRIETHYLENE GLYCOL' 'C6 H14 O4'
S7L non-polymer 1-(phenylmethyl)-4-[1-(phenylmethyl)pyridin-1-ium-4-yl]pyridin-1-ium 'C24 H22 N2 2'
SF4 non-polymer 'IRON/SULFUR CLUSTER' 'Fe4 S4'
XCC non-polymer 'FE(4)-NI(1)-S(4) CLUSTER' 'Fe4 Ni S4'
#
# COMPACT_ATOMS: atom_id res chain seq x y z
N GLN A 24 0.38 23.45 -14.71
CA GLN A 24 1.10 22.68 -13.70
C GLN A 24 0.16 22.22 -12.59
N ASN A 25 -0.87 23.04 -12.31
CA ASN A 25 -1.93 22.61 -11.41
C ASN A 25 -2.62 21.37 -11.96
N LEU A 26 -2.74 21.29 -13.28
CA LEU A 26 -3.44 20.20 -13.94
C LEU A 26 -2.79 18.85 -13.65
N LYS A 27 -1.51 18.85 -13.28
CA LYS A 27 -0.73 17.64 -13.09
C LYS A 27 -0.68 17.20 -11.63
N SER A 28 -0.37 18.11 -10.72
CA SER A 28 -0.18 17.77 -9.31
C SER A 28 -0.58 18.94 -8.43
N THR A 29 -1.38 18.65 -7.40
CA THR A 29 -1.69 19.65 -6.39
C THR A 29 -0.52 19.89 -5.44
N ASP A 30 0.53 19.07 -5.51
CA ASP A 30 1.70 19.21 -4.66
C ASP A 30 2.54 20.39 -5.14
N ARG A 31 2.61 21.44 -4.33
CA ARG A 31 3.29 22.67 -4.73
C ARG A 31 4.78 22.46 -4.96
N ALA A 32 5.42 21.64 -4.13
CA ALA A 32 6.83 21.30 -4.37
C ALA A 32 6.97 20.58 -5.71
N VAL A 33 6.05 19.67 -6.02
CA VAL A 33 6.07 18.98 -7.30
C VAL A 33 5.85 19.98 -8.44
N GLN A 34 4.99 20.99 -8.22
CA GLN A 34 4.78 22.01 -9.24
C GLN A 34 6.07 22.80 -9.50
N GLN A 35 6.84 23.07 -8.45
CA GLN A 35 8.11 23.76 -8.63
C GLN A 35 9.09 22.89 -9.41
N MET A 36 9.23 21.63 -9.03
CA MET A 36 10.20 20.78 -9.70
C MET A 36 9.79 20.45 -11.13
N LEU A 37 8.49 20.47 -11.43
CA LEU A 37 8.03 20.32 -12.80
C LEU A 37 8.49 21.49 -13.66
N ASP A 38 8.42 22.71 -13.11
CA ASP A 38 8.96 23.87 -13.83
C ASP A 38 10.45 23.70 -14.06
N LYS A 39 11.19 23.23 -13.05
CA LYS A 39 12.62 23.01 -13.26
C LYS A 39 12.87 22.00 -14.38
N ALA A 40 12.12 20.90 -14.38
CA ALA A 40 12.31 19.87 -15.39
C ALA A 40 11.98 20.39 -16.79
N LYS A 41 10.89 21.14 -16.92
CA LYS A 41 10.54 21.72 -18.21
C LYS A 41 11.61 22.70 -18.68
N ARG A 42 12.12 23.52 -17.77
CA ARG A 42 13.18 24.47 -18.12
C ARG A 42 14.43 23.74 -18.62
N GLU A 43 14.75 22.60 -18.00
CA GLU A 43 15.93 21.85 -18.37
C GLU A 43 15.68 20.78 -19.42
N GLY A 44 14.43 20.57 -19.83
CA GLY A 44 14.15 19.60 -20.87
C GLY A 44 14.23 18.15 -20.42
N ILE A 45 14.26 17.89 -19.12
CA ILE A 45 14.24 16.52 -18.61
C ILE A 45 12.79 16.06 -18.57
N GLN A 46 12.52 14.96 -19.29
CA GLN A 46 11.14 14.52 -19.52
C GLN A 46 10.58 13.82 -18.29
N THR A 47 9.37 14.21 -17.91
CA THR A 47 8.68 13.65 -16.75
C THR A 47 7.56 12.73 -17.20
N VAL A 48 6.89 12.12 -16.22
CA VAL A 48 5.82 11.17 -16.50
C VAL A 48 4.66 11.85 -17.22
N TRP A 49 4.32 13.07 -16.79
CA TRP A 49 3.21 13.79 -17.40
C TRP A 49 3.47 14.05 -18.88
N ASP A 50 4.73 14.34 -19.23
CA ASP A 50 5.09 14.52 -20.64
C ASP A 50 4.84 13.26 -21.45
N ARG A 51 5.25 12.10 -20.90
CA ARG A 51 5.05 10.84 -21.58
C ARG A 51 3.57 10.53 -21.73
N TYR A 52 2.79 10.84 -20.69
CA TYR A 52 1.34 10.66 -20.73
C TYR A 52 0.72 11.52 -21.83
N GLU A 53 1.15 12.78 -21.95
CA GLU A 53 0.68 13.63 -23.04
C GLU A 53 1.06 13.05 -24.40
N ALA A 54 2.28 12.54 -24.52
CA ALA A 54 2.70 11.88 -25.75
C ALA A 54 1.87 10.64 -26.07
N MET A 55 1.27 10.02 -25.05
CA MET A 55 0.52 8.79 -25.27
C MET A 55 -0.91 9.04 -25.74
N LYS A 56 -1.45 10.25 -25.56
CA LYS A 56 -2.83 10.48 -25.96
C LYS A 56 -2.95 10.64 -27.48
N PRO A 57 -4.06 10.19 -28.07
CA PRO A 57 -5.22 9.56 -27.44
C PRO A 57 -4.97 8.09 -27.10
N GLN A 58 -5.54 7.64 -25.99
CA GLN A 58 -5.38 6.26 -25.56
C GLN A 58 -6.45 5.39 -26.20
N CYS A 59 -6.22 4.07 -26.13
CA CYS A 59 -7.08 3.09 -26.83
C CYS A 59 -8.38 2.81 -26.09
N GLY A 60 -9.48 2.92 -26.81
CA GLY A 60 -10.75 2.58 -26.19
C GLY A 60 -10.83 1.12 -25.80
N PHE A 61 -10.41 0.22 -26.69
CA PHE A 61 -10.43 -1.21 -26.37
C PHE A 61 -9.68 -1.48 -25.07
N GLY A 62 -8.45 -0.98 -24.99
CA GLY A 62 -7.62 -1.27 -23.83
C GLY A 62 -8.14 -0.62 -22.56
N GLU A 63 -8.58 0.64 -22.64
CA GLU A 63 -9.04 1.32 -21.44
C GLU A 63 -10.41 0.83 -20.98
N THR A 64 -11.13 0.09 -21.82
CA THR A 64 -12.43 -0.46 -21.44
C THR A 64 -12.42 -1.97 -21.31
N GLY A 65 -11.25 -2.61 -21.39
CA GLY A 65 -11.15 -4.04 -21.20
C GLY A 65 -11.56 -4.88 -22.39
N LEU A 66 -11.92 -4.27 -23.50
CA LEU A 66 -12.38 -5.07 -24.66
C LEU A 66 -11.23 -5.39 -25.60
N CYS A 67 -10.09 -5.86 -25.08
CA CYS A 67 -8.94 -6.32 -25.93
C CYS A 67 -8.29 -7.51 -25.24
N CYS A 68 -7.98 -8.56 -26.00
CA CYS A 68 -7.29 -9.74 -25.42
C CYS A 68 -6.12 -10.13 -26.31
N ARG A 69 -5.02 -10.54 -25.69
CA ARG A 69 -3.90 -11.06 -26.45
C ARG A 69 -3.42 -12.36 -25.84
N HIS A 70 -4.31 -13.14 -25.24
CA HIS A 70 -3.84 -14.45 -24.71
C HIS A 70 -3.61 -15.46 -25.82
N CYS A 71 -3.47 -14.97 -27.07
CA CYS A 71 -3.37 -15.87 -28.24
C CYS A 71 -2.51 -15.23 -29.31
N LEU A 72 -1.90 -16.06 -30.14
CA LEU A 72 -1.17 -15.52 -31.31
C LEU A 72 -2.18 -15.56 -32.46
N GLN A 73 -3.43 -15.88 -32.13
CA GLN A 73 -4.53 -15.85 -33.13
C GLN A 73 -4.87 -14.39 -33.29
N GLY A 74 -3.99 -13.54 -32.79
CA GLY A 74 -4.14 -12.10 -33.04
C GLY A 74 -4.52 -11.33 -31.81
N PRO A 75 -4.38 -10.00 -31.81
CA PRO A 75 -4.91 -9.20 -30.72
C PRO A 75 -6.39 -9.10 -31.11
N CYS A 76 -7.31 -9.44 -30.21
CA CYS A 76 -8.76 -9.41 -30.50
C CYS A 76 -9.42 -8.26 -29.72
N GLY A 77 -9.97 -7.24 -30.40
CA GLY A 77 -10.68 -6.17 -29.74
C GLY A 77 -12.16 -6.26 -30.09
N ILE A 78 -13.00 -5.84 -29.14
CA ILE A 78 -14.44 -5.76 -29.36
C ILE A 78 -14.84 -4.30 -29.24
N LEU A 79 -15.51 -3.79 -30.26
CA LEU A 79 -16.03 -2.42 -30.19
C LEU A 79 -17.04 -2.33 -29.05
N PRO A 80 -16.96 -1.33 -28.18
CA PRO A 80 -17.94 -1.20 -27.11
C PRO A 80 -19.38 -1.17 -27.60
N PHE A 81 -19.63 -0.50 -28.73
CA PHE A 81 -20.93 -0.49 -29.36
C PHE A 81 -20.74 -0.56 -30.86
N GLY A 82 -21.86 -0.64 -31.58
CA GLY A 82 -21.82 -0.72 -33.03
C GLY A 82 -21.75 -2.15 -33.54
N ASP A 83 -21.33 -2.27 -34.80
CA ASP A 83 -21.23 -3.56 -35.46
C ASP A 83 -19.91 -4.24 -35.11
N GLU A 84 -19.57 -5.29 -35.85
CA GLU A 84 -18.40 -6.11 -35.53
C GLU A 84 -17.13 -5.26 -35.58
N PRO A 85 -16.10 -5.62 -34.80
CA PRO A 85 -15.93 -6.85 -34.01
C PRO A 85 -16.76 -6.93 -32.73
N LYS A 86 -17.65 -7.92 -32.66
CA LYS A 86 -18.52 -8.12 -31.51
C LYS A 86 -17.97 -9.15 -30.54
N VAL A 87 -17.18 -10.12 -31.01
CA VAL A 87 -16.73 -11.23 -30.21
C VAL A 87 -15.30 -11.59 -30.62
N GLY A 88 -14.63 -12.33 -29.74
CA GLY A 88 -13.29 -12.78 -30.04
C GLY A 88 -13.28 -13.87 -31.10
N ILE A 89 -12.08 -14.10 -31.65
CA ILE A 89 -11.92 -15.10 -32.71
C ILE A 89 -12.28 -16.50 -32.20
N CYS A 90 -11.99 -16.79 -30.95
CA CYS A 90 -12.24 -18.15 -30.44
C CYS A 90 -13.68 -18.26 -29.96
N GLY A 91 -14.42 -17.15 -29.92
CA GLY A 91 -15.74 -17.15 -29.36
C GLY A 91 -15.85 -16.55 -27.98
N ALA A 92 -14.80 -15.89 -27.48
CA ALA A 92 -14.83 -15.27 -26.16
C ALA A 92 -15.65 -13.98 -26.23
N THR A 93 -16.75 -13.94 -25.48
CA THR A 93 -17.60 -12.78 -25.45
C THR A 93 -16.90 -11.62 -24.74
N ALA A 94 -17.53 -10.45 -24.77
CA ALA A 94 -16.96 -9.28 -24.11
C ALA A 94 -16.79 -9.50 -22.62
N GLU A 95 -17.80 -10.10 -21.99
CA GLU A 95 -17.74 -10.35 -20.55
C GLU A 95 -16.60 -11.29 -20.19
N VAL A 96 -16.43 -12.37 -20.96
CA VAL A 96 -15.39 -13.35 -20.66
C VAL A 96 -14.01 -12.72 -20.83
N ILE A 97 -13.81 -11.96 -21.91
CA ILE A 97 -12.53 -11.29 -22.14
C ILE A 97 -12.21 -10.33 -20.99
N VAL A 98 -13.21 -9.52 -20.61
CA VAL A 98 -13.00 -8.54 -19.54
C VAL A 98 -12.66 -9.23 -18.23
N ALA A 99 -13.39 -10.30 -17.90
CA ALA A 99 -13.15 -11.02 -16.66
C ALA A 99 -11.77 -11.65 -16.65
N ARG A 100 -11.33 -12.20 -17.78
CA ARG A 100 -10.00 -12.80 -17.85
C ARG A 100 -8.91 -11.76 -17.64
N GLY A 101 -9.04 -10.59 -18.27
CA GLY A 101 -8.07 -9.53 -18.04
C GLY A 101 -8.01 -9.07 -16.60
N LEU A 102 -9.19 -8.86 -15.99
CA LEU A 102 -9.25 -8.45 -14.60
C LEU A 102 -8.64 -9.51 -13.69
N ASP A 103 -8.91 -10.78 -13.98
CA ASP A 103 -8.35 -11.89 -13.22
C ASP A 103 -6.84 -11.85 -13.26
N ARG A 104 -6.26 -11.62 -14.44
CA ARG A 104 -4.81 -11.58 -14.55
C ARG A 104 -4.23 -10.37 -13.83
N SER A 105 -4.95 -9.25 -13.81
CA SER A 105 -4.52 -8.11 -12.99
C SER A 105 -4.41 -8.51 -11.52
N ILE A 106 -5.45 -9.15 -11.00
CA ILE A 106 -5.44 -9.56 -9.60
C ILE A 106 -4.30 -10.54 -9.34
N ALA A 107 -4.07 -11.46 -10.29
CA ALA A 107 -2.99 -12.43 -10.13
C ALA A 107 -1.64 -11.74 -10.05
N ALA A 108 -1.42 -10.72 -10.89
CA ALA A 108 -0.14 -10.01 -10.85
C ALA A 108 0.06 -9.29 -9.52
N GLY A 109 -1.00 -8.65 -9.01
CA GLY A 109 -0.87 -7.99 -7.71
C GLY A 109 -0.58 -8.97 -6.59
N ALA A 110 -1.29 -10.11 -6.60
CA ALA A 110 -1.01 -11.15 -5.62
C ALA A 110 0.40 -11.66 -5.75
N ALA A 111 0.93 -11.75 -6.97
CA ALA A 111 2.31 -12.18 -7.15
C ALA A 111 3.28 -11.19 -6.52
N GLY A 112 3.03 -9.89 -6.69
CA GLY A 112 3.91 -8.91 -6.09
C GLY A 112 3.94 -9.02 -4.57
N HIS A 113 2.76 -9.03 -3.95
CA HIS A 113 2.72 -9.11 -2.49
C HIS A 113 3.25 -10.46 -2.00
N SER A 114 2.99 -11.53 -2.75
CA SER A 114 3.48 -12.86 -2.41
C SER A 114 5.00 -12.89 -2.40
N GLY A 115 5.63 -12.37 -3.45
CA GLY A 115 7.08 -12.34 -3.49
C GLY A 115 7.67 -11.50 -2.37
N HIS A 116 7.02 -10.38 -2.05
CA HIS A 116 7.51 -9.55 -0.95
C HIS A 116 7.50 -10.33 0.37
N ALA A 117 6.37 -10.95 0.70
CA ALA A 117 6.27 -11.70 1.95
C ALA A 117 7.17 -12.93 1.92
N LYS A 118 7.36 -13.54 0.74
CA LYS A 118 8.23 -14.70 0.62
C LYS A 118 9.68 -14.35 0.91
N HIS A 119 10.14 -13.21 0.39
CA HIS A 119 11.47 -12.73 0.70
C HIS A 119 11.62 -12.47 2.20
N LEU A 120 10.59 -11.88 2.81
CA LEU A 120 10.67 -11.66 4.26
C LEU A 120 10.73 -12.99 5.02
N ALA A 121 9.99 -13.99 4.55
CA ALA A 121 10.01 -15.30 5.19
C ALA A 121 11.39 -15.93 5.12
N HIS A 122 12.03 -15.87 3.95
CA HIS A 122 13.38 -16.38 3.86
C HIS A 122 14.36 -15.57 4.69
N THR A 123 14.11 -14.27 4.86
CA THR A 123 14.97 -13.48 5.74
C THR A 123 14.86 -13.95 7.19
N LEU A 124 13.64 -14.17 7.67
CA LEU A 124 13.47 -14.66 9.03
C LEU A 124 14.08 -16.06 9.20
N LYS A 125 13.85 -16.93 8.22
CA LYS A 125 14.41 -18.29 8.29
C LYS A 125 15.93 -18.26 8.30
N LYS A 126 16.54 -17.44 7.44
CA LYS A 126 17.99 -17.31 7.38
C LYS A 126 18.53 -16.56 8.57
N ALA A 127 17.69 -15.82 9.30
CA ALA A 127 18.13 -15.12 10.49
C ALA A 127 18.18 -16.06 11.69
N VAL A 128 17.11 -16.84 11.91
CA VAL A 128 17.11 -17.75 13.05
C VAL A 128 17.99 -18.98 12.86
N GLN A 129 18.55 -19.17 11.67
CA GLN A 129 19.41 -20.30 11.38
C GLN A 129 20.87 -19.88 11.25
N GLY A 130 21.23 -18.72 11.82
CA GLY A 130 22.61 -18.26 11.86
C GLY A 130 23.18 -17.83 10.53
N LYS A 131 22.35 -17.73 9.49
CA LYS A 131 22.87 -17.51 8.14
C LYS A 131 22.93 -16.04 7.75
N ALA A 132 22.30 -15.15 8.52
CA ALA A 132 22.36 -13.71 8.25
C ALA A 132 22.27 -12.99 9.60
N ALA A 133 23.44 -12.69 10.18
CA ALA A 133 23.51 -12.13 11.52
C ALA A 133 22.97 -10.70 11.61
N SER A 134 22.77 -10.04 10.47
CA SER A 134 22.25 -8.68 10.46
C SER A 134 20.76 -8.62 10.77
N TYR A 135 20.07 -9.76 10.77
CA TYR A 135 18.63 -9.82 10.98
C TYR A 135 18.34 -10.62 12.24
N MET A 136 17.31 -10.21 12.97
CA MET A 136 17.04 -10.77 14.29
C MET A 136 15.57 -10.55 14.63
N ILE A 137 15.12 -11.26 15.66
CA ILE A 137 13.74 -11.19 16.10
C ILE A 137 13.59 -9.93 16.94
N LYS A 138 13.23 -8.81 16.30
CA LYS A 138 13.13 -7.55 17.04
C LYS A 138 11.91 -7.53 17.95
N ASP A 139 10.76 -7.98 17.45
CA ASP A 139 9.53 -7.95 18.23
C ASP A 139 9.19 -9.38 18.65
N ARG A 140 9.40 -9.66 19.94
CA ARG A 140 9.21 -10.99 20.52
C ARG A 140 7.74 -11.26 20.81
N THR A 141 7.03 -10.25 21.31
CA THR A 141 5.60 -10.38 21.57
C THR A 141 4.83 -10.65 20.29
N LYS A 142 5.18 -9.96 19.19
CA LYS A 142 4.51 -10.17 17.92
C LYS A 142 4.70 -11.60 17.42
N LEU A 143 5.93 -12.11 17.50
CA LEU A 143 6.19 -13.49 17.10
C LEU A 143 5.37 -14.46 17.92
N HIS A 144 5.33 -14.26 19.24
CA HIS A 144 4.58 -15.16 20.10
C HIS A 144 3.09 -15.14 19.77
N SER A 145 2.53 -13.93 19.56
CA SER A 145 1.11 -13.81 19.27
C SER A 145 0.78 -14.44 17.92
N ILE A 146 1.61 -14.23 16.90
CA ILE A 146 1.39 -14.85 15.60
C ILE A 146 1.43 -16.36 15.71
N ALA A 147 2.39 -16.89 16.47
CA ALA A 147 2.46 -18.33 16.66
C ALA A 147 1.21 -18.87 17.34
N LYS A 148 0.71 -18.18 18.36
CA LYS A 148 -0.49 -18.65 19.04
C LYS A 148 -1.70 -18.60 18.11
N ARG A 149 -1.81 -17.55 17.30
CA ARG A 149 -2.91 -17.48 16.33
C ARG A 149 -2.81 -18.64 15.33
N LEU A 150 -1.61 -18.90 14.82
CA LEU A 150 -1.37 -20.04 13.94
C LEU A 150 -1.51 -21.37 14.66
N GLY A 151 -1.56 -21.37 15.99
CA GLY A 151 -1.57 -22.61 16.75
C GLY A 151 -0.19 -23.15 17.08
N ILE A 152 0.86 -22.44 16.72
CA ILE A 152 2.22 -22.87 17.08
C ILE A 152 2.41 -22.63 18.58
N PRO A 153 2.66 -23.67 19.36
CA PRO A 153 2.85 -23.47 20.81
C PRO A 153 4.14 -22.72 21.08
N THR A 154 4.06 -21.81 22.06
CA THR A 154 5.18 -20.93 22.41
C THR A 154 5.87 -21.39 23.68
N GLU A 155 5.10 -21.56 24.75
CA GLU A 155 5.61 -22.00 26.04
C GLU A 155 6.47 -23.24 25.90
N GLY A 156 7.69 -23.17 26.42
CA GLY A 156 8.62 -24.28 26.31
C GLY A 156 9.34 -24.38 24.99
N GLN A 157 9.39 -23.30 24.21
CA GLN A 157 10.11 -23.31 22.94
C GLN A 157 11.07 -22.14 22.87
N LYS A 158 12.28 -22.40 22.36
CA LYS A 158 13.23 -21.33 22.13
C LYS A 158 12.72 -20.39 21.05
N ASP A 159 13.05 -19.10 21.20
CA ASP A 159 12.53 -18.10 20.26
C ASP A 159 12.94 -18.39 18.83
N GLU A 160 14.12 -18.96 18.62
CA GLU A 160 14.54 -19.29 17.26
C GLU A 160 13.76 -20.47 16.71
N ASP A 161 13.49 -21.47 17.55
CA ASP A 161 12.69 -22.61 17.10
C ASP A 161 11.27 -22.19 16.75
N ILE A 162 10.64 -21.36 17.59
CA ILE A 162 9.28 -20.91 17.29
C ILE A 162 9.27 -19.96 16.10
N ALA A 163 10.29 -19.13 15.97
CA ALA A 163 10.39 -18.24 14.80
C ALA A 163 10.56 -19.03 13.52
N LEU A 164 11.38 -20.10 13.57
CA LEU A 164 11.52 -20.99 12.43
C LEU A 164 10.24 -21.75 12.16
N GLU A 165 9.48 -22.07 13.20
CA GLU A 165 8.18 -22.72 12.99
C GLU A 165 7.21 -21.76 12.27
N VAL A 166 7.21 -20.50 12.69
CA VAL A 166 6.41 -19.48 12.00
C VAL A 166 6.87 -19.31 10.56
N ALA A 167 8.20 -19.35 10.34
CA ALA A 167 8.74 -19.19 9.00
C ALA A 167 8.38 -20.38 8.11
N LYS A 168 8.38 -21.59 8.68
CA LYS A 168 7.91 -22.77 7.95
C LYS A 168 6.44 -22.64 7.58
N ALA A 169 5.63 -22.19 8.56
CA ALA A 169 4.20 -22.05 8.32
C ALA A 169 3.92 -21.00 7.25
N ALA A 170 4.69 -19.92 7.24
CA ALA A 170 4.51 -18.89 6.22
C ALA A 170 4.79 -19.44 4.83
N LEU A 171 5.89 -20.19 4.67
CA LEU A 171 6.23 -20.74 3.38
C LEU A 171 5.23 -21.81 2.94
N ALA A 172 4.63 -22.53 3.90
CA ALA A 172 3.67 -23.57 3.55
C ALA A 172 2.46 -22.99 2.83
N ASP A 173 2.05 -21.77 3.19
CA ASP A 173 0.81 -21.16 2.70
C ASP A 173 0.86 -20.83 1.22
N PHE A 174 2.00 -20.99 0.56
CA PHE A 174 2.12 -20.71 -0.87
C PHE A 174 1.69 -21.88 -1.73
N HIS A 175 1.63 -23.08 -1.15
CA HIS A 175 1.30 -24.31 -1.84
C HIS A 175 0.18 -25.01 -1.08
N GLU A 176 -0.23 -26.17 -1.58
CA GLU A 176 -1.33 -26.89 -0.97
C GLU A 176 -0.83 -27.76 0.19
N LYS A 177 -1.73 -28.00 1.14
CA LYS A 177 -1.39 -28.83 2.31
C LYS A 177 -2.68 -29.39 2.89
N ASP A 178 -2.73 -29.51 4.21
CA ASP A 178 -3.96 -29.99 4.89
C ASP A 178 -4.83 -28.77 5.23
N THR A 179 -4.21 -27.76 5.82
CA THR A 179 -4.91 -26.52 6.18
C THR A 179 -4.87 -25.55 5.00
N PRO A 180 -5.89 -24.68 4.81
CA PRO A 180 -5.90 -23.71 3.74
C PRO A 180 -4.97 -22.53 4.08
N VAL A 181 -4.96 -21.46 3.26
CA VAL A 181 -4.05 -20.38 3.59
C VAL A 181 -4.42 -19.81 4.95
N LEU A 182 -3.53 -19.99 5.94
CA LEU A 182 -3.82 -19.57 7.31
C LEU A 182 -3.73 -18.06 7.46
N TRP A 183 -3.05 -17.37 6.56
CA TRP A 183 -3.07 -15.91 6.58
C TRP A 183 -4.34 -15.35 5.94
N VAL A 184 -5.26 -16.21 5.54
CA VAL A 184 -6.63 -15.85 5.21
C VAL A 184 -7.61 -16.30 6.30
N THR A 185 -7.48 -17.55 6.74
CA THR A 185 -8.49 -18.19 7.57
C THR A 185 -8.34 -17.91 9.06
N THR A 186 -7.15 -17.51 9.51
CA THR A 186 -6.93 -17.21 10.93
C THR A 186 -6.96 -15.70 11.22
N VAL A 187 -7.30 -14.88 10.22
CA VAL A 187 -7.27 -13.44 10.40
C VAL A 187 -8.64 -12.80 10.17
N LEU A 188 -9.56 -13.47 9.53
CA LEU A 188 -10.93 -13.03 9.34
C LEU A 188 -11.82 -13.65 10.40
N PRO A 189 -12.87 -12.94 10.81
CA PRO A 189 -13.81 -13.48 11.80
C PRO A 189 -14.43 -14.77 11.30
N PRO A 190 -14.70 -15.72 12.20
CA PRO A 190 -15.22 -17.03 11.76
C PRO A 190 -16.46 -16.93 10.89
N SER A 191 -17.34 -15.97 11.15
CA SER A 191 -18.50 -15.77 10.28
C SER A 191 -18.07 -15.36 8.88
N ARG A 192 -17.10 -14.46 8.78
CA ARG A 192 -16.60 -14.05 7.47
C ARG A 192 -15.94 -15.22 6.74
N VAL A 193 -15.12 -15.99 7.46
CA VAL A 193 -14.49 -17.17 6.87
C VAL A 193 -15.54 -18.14 6.37
N LYS A 194 -16.62 -18.32 7.14
CA LYS A 194 -17.69 -19.23 6.74
C LYS A 194 -18.40 -18.74 5.48
N VAL A 195 -18.69 -17.43 5.42
CA VAL A 195 -19.32 -16.87 4.23
C VAL A 195 -18.44 -17.12 3.00
N LEU A 196 -17.13 -16.88 3.15
CA LEU A 196 -16.22 -17.09 2.04
C LEU A 196 -16.15 -18.56 1.64
N SER A 197 -16.16 -19.46 2.62
CA SER A 197 -16.13 -20.89 2.32
C SER A 197 -17.39 -21.32 1.58
N ALA A 198 -18.54 -20.76 1.94
CA ALA A 198 -19.79 -21.20 1.34
C ALA A 198 -19.77 -21.07 -0.18
N HIS A 199 -18.95 -20.16 -0.71
CA HIS A 199 -18.83 -19.95 -2.14
C HIS A 199 -17.55 -20.55 -2.71
N GLY A 200 -16.85 -21.36 -1.93
CA GLY A 200 -15.57 -21.91 -2.37
C GLY A 200 -14.53 -20.85 -2.64
N LEU A 201 -14.45 -19.82 -1.80
CA LEU A 201 -13.58 -18.69 -2.03
C LEU A 201 -12.32 -18.69 -1.17
N ILE A 202 -12.19 -19.63 -0.24
CA ILE A 202 -10.97 -19.70 0.57
C ILE A 202 -9.82 -20.20 -0.29
N PRO A 203 -8.69 -19.49 -0.34
CA PRO A 203 -7.56 -19.97 -1.14
C PRO A 203 -6.97 -21.26 -0.57
N ALA A 204 -6.38 -22.04 -1.45
CA ALA A 204 -5.61 -23.22 -1.05
C ALA A 204 -4.11 -22.96 -1.00
N GLY A 205 -3.62 -22.08 -1.86
CA GLY A 205 -2.23 -21.67 -1.85
C GLY A 205 -2.06 -20.36 -2.60
N ILE A 206 -1.23 -19.46 -2.05
CA ILE A 206 -1.03 -18.16 -2.67
C ILE A 206 -0.53 -18.33 -4.10
N ASP A 207 0.65 -18.95 -4.24
CA ASP A 207 1.15 -19.28 -5.57
C ASP A 207 0.21 -20.23 -6.30
N HIS A 208 -0.48 -21.10 -5.57
CA HIS A 208 -1.43 -22.00 -6.20
C HIS A 208 -2.58 -21.23 -6.84
N GLU A 209 -3.17 -20.28 -6.12
CA GLU A 209 -4.24 -19.47 -6.69
C GLU A 209 -3.73 -18.65 -7.86
N ILE A 210 -2.51 -18.10 -7.73
CA ILE A 210 -1.92 -17.33 -8.83
C ILE A 210 -1.82 -18.20 -10.09
N ALA A 211 -1.26 -19.40 -9.94
CA ALA A 211 -1.06 -20.29 -11.07
C ALA A 211 -2.38 -20.77 -11.65
N GLU A 212 -3.36 -21.08 -10.81
CA GLU A 212 -4.65 -21.51 -11.34
C GLU A 212 -5.35 -20.39 -12.09
N ILE A 213 -5.21 -19.14 -11.61
CA ILE A 213 -5.77 -18.01 -12.34
C ILE A 213 -5.10 -17.89 -13.70
N MET A 214 -3.77 -17.99 -13.73
CA MET A 214 -3.07 -17.92 -15.01
C MET A 214 -3.42 -19.10 -15.91
N HIS A 215 -3.87 -20.22 -15.34
CA HIS A 215 -4.33 -21.36 -16.11
C HIS A 215 -5.69 -21.08 -16.73
N ARG A 216 -6.68 -20.77 -15.89
CA ARG A 216 -8.07 -20.66 -16.33
C ARG A 216 -8.28 -19.49 -17.29
N THR A 217 -7.43 -18.47 -17.22
CA THR A 217 -7.55 -17.33 -18.11
C THR A 217 -6.87 -17.54 -19.45
N SER A 218 -6.13 -18.64 -19.62
CA SER A 218 -5.54 -18.95 -20.91
C SER A 218 -6.63 -19.38 -21.89
N MET A 219 -6.28 -19.36 -23.18
CA MET A 219 -7.26 -19.65 -24.21
C MET A 219 -7.77 -21.08 -24.08
N GLY A 220 -9.05 -21.28 -24.41
CA GLY A 220 -9.67 -22.59 -24.34
C GLY A 220 -10.04 -23.05 -22.96
N CYS A 221 -9.68 -22.29 -21.93
CA CYS A 221 -10.05 -22.59 -20.56
C CYS A 221 -11.34 -21.86 -20.20
N ASP A 222 -11.61 -21.71 -18.91
CA ASP A 222 -12.82 -21.11 -18.37
C ASP A 222 -13.33 -19.95 -19.22
N ALA A 223 -14.62 -20.01 -19.58
CA ALA A 223 -15.26 -19.01 -20.43
C ALA A 223 -16.63 -18.64 -19.89
N ASP A 224 -16.75 -18.45 -18.57
CA ASP A 224 -17.96 -17.97 -17.94
C ASP A 224 -17.60 -16.83 -17.00
N ALA A 225 -18.30 -15.70 -17.14
CA ALA A 225 -17.94 -14.50 -16.38
C ALA A 225 -18.14 -14.68 -14.89
N GLN A 226 -19.27 -15.28 -14.49
CA GLN A 226 -19.53 -15.51 -13.07
C GLN A 226 -18.46 -16.41 -12.46
N ASN A 227 -18.17 -17.53 -13.13
CA ASN A 227 -17.15 -18.47 -12.64
C ASN A 227 -15.80 -17.79 -12.55
N LEU A 228 -15.45 -17.02 -13.58
CA LEU A 228 -14.17 -16.33 -13.63
C LEU A 228 -14.04 -15.33 -12.48
N LEU A 229 -15.10 -14.57 -12.21
CA LEU A 229 -15.05 -13.57 -11.15
C LEU A 229 -15.01 -14.22 -9.77
N LEU A 230 -15.66 -15.38 -9.61
CA LEU A 230 -15.53 -16.12 -8.36
C LEU A 230 -14.07 -16.51 -8.13
N GLY A 231 -13.43 -17.04 -9.18
CA GLY A 231 -12.00 -17.33 -9.06
C GLY A 231 -11.18 -16.10 -8.75
N GLY A 232 -11.58 -14.95 -9.32
CA GLY A 232 -10.88 -13.70 -9.06
C GLY A 232 -10.94 -13.29 -7.60
N LEU A 233 -12.11 -13.42 -6.98
CA LEU A 233 -12.24 -13.16 -5.55
C LEU A 233 -11.35 -14.10 -4.75
N ARG A 234 -11.34 -15.38 -5.12
CA ARG A 234 -10.52 -16.35 -4.41
C ARG A 234 -9.04 -15.98 -4.49
N CYS A 235 -8.59 -15.44 -5.63
CA CYS A 235 -7.19 -15.00 -5.74
C CYS A 235 -6.92 -13.70 -4.99
N SER A 236 -7.89 -12.79 -4.95
CA SER A 236 -7.73 -11.59 -4.14
C SER A 236 -7.50 -11.95 -2.68
N LEU A 237 -8.10 -13.03 -2.22
CA LEU A 237 -7.80 -13.47 -0.85
C LEU A 237 -6.37 -14.00 -0.71
N ALA A 238 -5.81 -14.61 -1.77
CA ALA A 238 -4.40 -14.95 -1.73
C ALA A 238 -3.55 -13.70 -1.59
N ASP A 239 -3.93 -12.62 -2.30
CA ASP A 239 -3.22 -11.36 -2.13
C ASP A 239 -3.34 -10.82 -0.71
N LEU A 240 -4.54 -10.92 -0.12
CA LEU A 240 -4.74 -10.48 1.25
C LEU A 240 -3.83 -11.25 2.20
N ALA A 241 -3.71 -12.56 1.99
CA ALA A 241 -2.78 -13.37 2.77
C ALA A 241 -1.35 -12.90 2.59
N GLY A 242 -0.96 -12.57 1.36
CA GLY A 242 0.39 -12.07 1.13
C GLY A 242 0.68 -10.79 1.88
N CYS A 243 -0.27 -9.84 1.84
CA CYS A 243 -0.11 -8.60 2.58
C CYS A 243 0.05 -8.77 4.08
N TYR A 244 -0.78 -9.63 4.67
CA TYR A 244 -0.74 -9.89 6.14
C TYR A 244 0.55 -10.60 6.51
N MET A 245 0.99 -11.51 5.66
CA MET A 245 2.21 -12.27 5.87
C MET A 245 3.35 -11.25 5.90
N GLY A 246 3.39 -10.37 4.89
CA GLY A 246 4.43 -9.35 4.88
C GLY A 246 4.39 -8.46 6.10
N THR A 247 3.18 -8.04 6.50
CA THR A 247 3.04 -7.20 7.67
C THR A 247 3.54 -7.89 8.92
N ASP A 248 3.08 -9.12 9.16
CA ASP A 248 3.46 -9.84 10.37
C ASP A 248 4.96 -10.10 10.40
N LEU A 249 5.53 -10.50 9.26
CA LEU A 249 6.95 -10.79 9.18
C LEU A 249 7.80 -9.55 9.39
N ALA A 250 7.41 -8.44 8.77
CA ALA A 250 8.16 -7.20 8.96
C ALA A 250 8.06 -6.71 10.40
N ASP A 251 6.89 -6.90 11.03
CA ASP A 251 6.77 -6.58 12.44
C ASP A 251 7.72 -7.40 13.28
N ILE A 252 7.81 -8.70 12.99
CA ILE A 252 8.73 -9.58 13.73
C ILE A 252 10.16 -9.12 13.53
N LEU A 253 10.54 -8.87 12.28
CA LEU A 253 11.94 -8.66 11.94
C LEU A 253 12.45 -7.31 12.39
N PHE A 254 11.67 -6.25 12.19
CA PHE A 254 12.15 -4.88 12.31
C PHE A 254 11.42 -4.05 13.35
N GLY A 255 10.37 -4.57 13.96
CA GLY A 255 9.66 -3.83 14.99
C GLY A 255 8.25 -3.50 14.56
N THR A 256 7.35 -3.45 15.53
CA THR A 256 5.96 -3.06 15.31
C THR A 256 5.83 -1.55 15.45
N PRO A 257 5.23 -0.87 14.47
CA PRO A 257 5.22 0.60 14.49
C PRO A 257 4.55 1.15 15.76
N ALA A 258 5.18 2.19 16.30
CA ALA A 258 4.66 3.02 17.36
C ALA A 258 4.68 4.47 16.89
N PRO A 259 3.81 5.33 17.41
CA PRO A 259 3.66 6.68 16.86
C PRO A 259 5.00 7.41 16.79
N VAL A 260 5.24 8.06 15.65
CA VAL A 260 6.45 8.83 15.38
C VAL A 260 6.06 10.14 14.73
N VAL A 261 6.97 11.10 14.77
CA VAL A 261 6.76 12.41 14.16
C VAL A 261 7.95 12.70 13.25
N THR A 262 7.66 13.01 11.99
CA THR A 262 8.72 13.41 11.06
C THR A 262 8.13 14.38 10.04
N GLU A 263 8.88 14.63 8.97
CA GLU A 263 8.48 15.60 7.97
C GLU A 263 8.24 14.91 6.63
N SER A 264 7.53 15.63 5.75
CA SER A 264 7.15 15.09 4.46
C SER A 264 7.35 16.15 3.38
N ASN A 265 7.42 15.65 2.13
CA ASN A 265 7.69 16.39 0.90
C ASN A 265 9.19 16.60 0.69
N LEU A 266 9.55 17.24 -0.43
CA LEU A 266 10.95 17.35 -0.82
C LEU A 266 11.78 18.19 0.15
N GLY A 267 11.12 18.98 1.01
CA GLY A 267 11.85 19.78 1.98
C GLY A 267 12.59 18.98 3.03
N VAL A 268 12.34 17.67 3.09
CA VAL A 268 13.14 16.81 3.94
C VAL A 268 14.58 16.72 3.44
N LEU A 269 14.81 17.04 2.17
CA LEU A 269 16.14 17.07 1.61
C LEU A 269 16.91 18.29 2.09
N LYS A 270 18.21 18.11 2.23
CA LYS A 270 19.11 19.17 2.67
C LYS A 270 20.32 19.16 1.75
N ALA A 271 20.70 20.33 1.24
CA ALA A 271 21.75 20.39 0.23
C ALA A 271 23.09 19.89 0.76
N ASP A 272 23.35 20.08 2.04
CA ASP A 272 24.68 19.85 2.61
C ASP A 272 24.89 18.43 3.12
N ALA A 273 23.92 17.54 2.99
CA ALA A 273 24.07 16.16 3.43
C ALA A 273 24.24 15.24 2.23
N VAL A 274 24.53 13.97 2.53
CA VAL A 274 24.44 12.92 1.53
C VAL A 274 22.98 12.45 1.52
N ASN A 275 22.26 12.77 0.45
CA ASN A 275 20.83 12.49 0.39
C ASN A 275 20.62 11.12 -0.26
N VAL A 276 20.20 10.15 0.55
CA VAL A 276 20.07 8.76 0.14
C VAL A 276 18.59 8.40 0.23
N ALA A 277 18.00 8.02 -0.90
CA ALA A 277 16.59 7.70 -0.97
C ALA A 277 16.39 6.19 -1.04
N VAL A 278 15.61 5.65 -0.11
CA VAL A 278 15.18 4.26 -0.18
C VAL A 278 13.86 4.21 -0.94
N HIS A 279 13.85 3.45 -2.03
CA HIS A 279 12.70 3.40 -2.93
C HIS A 279 12.38 1.94 -3.24
N GLY A 280 11.10 1.61 -3.22
CA GLY A 280 10.69 0.22 -3.34
C GLY A 280 9.67 -0.18 -2.29
N HIS A 281 9.73 -1.43 -1.83
CA HIS A 281 8.66 -1.87 -0.91
C HIS A 281 9.17 -2.82 0.18
N ASN A 282 10.32 -3.46 -0.03
CA ASN A 282 10.75 -4.49 0.90
C ASN A 282 11.71 -3.90 1.91
N PRO A 283 11.35 -3.83 3.20
CA PRO A 283 12.24 -3.22 4.20
C PRO A 283 13.52 -4.01 4.47
N VAL A 284 13.61 -5.27 4.03
CA VAL A 284 14.76 -6.12 4.31
C VAL A 284 16.07 -5.43 3.97
N LEU A 285 16.04 -4.52 3.01
CA LEU A 285 17.18 -3.75 2.55
C LEU A 285 17.29 -2.40 3.25
N SER A 286 16.18 -1.65 3.25
CA SER A 286 16.21 -0.25 3.65
C SER A 286 16.32 -0.09 5.17
N ASP A 287 15.75 -1.01 5.95
CA ASP A 287 15.93 -0.92 7.39
C ASP A 287 17.40 -1.09 7.77
N ILE A 288 18.08 -2.04 7.11
CA ILE A 288 19.51 -2.23 7.31
C ILE A 288 20.27 -0.98 6.88
N ILE A 289 19.90 -0.41 5.73
CA ILE A 289 20.54 0.83 5.29
C ILE A 289 20.39 1.92 6.36
N VAL A 290 19.17 2.07 6.89
CA VAL A 290 18.89 3.11 7.87
C VAL A 290 19.76 2.93 9.10
N SER A 291 19.82 1.71 9.64
CA SER A 291 20.62 1.48 10.83
C SER A 291 22.12 1.69 10.55
N VAL A 292 22.61 1.18 9.41
CA VAL A 292 24.04 1.21 9.15
C VAL A 292 24.53 2.63 8.84
N SER A 293 23.68 3.47 8.25
CA SER A 293 24.12 4.79 7.79
C SER A 293 24.53 5.71 8.93
N LYS A 294 23.91 5.56 10.10
CA LYS A 294 24.17 6.49 11.20
C LYS A 294 25.61 6.37 11.67
N GLU A 295 26.16 5.15 11.67
CA GLU A 295 27.54 4.91 12.04
C GLU A 295 28.53 5.31 10.96
N MET A 296 28.11 5.37 9.70
CA MET A 296 28.97 5.84 8.64
C MET A 296 28.83 7.34 8.41
N GLU A 297 27.95 8.00 9.16
CA GLU A 297 28.11 9.45 9.31
C GLU A 297 29.46 9.81 9.90
N ASN A 298 30.05 8.89 10.68
CA ASN A 298 31.44 9.03 11.12
C ASN A 298 32.37 9.24 9.93
N GLU A 299 32.00 8.72 8.76
CA GLU A 299 32.77 8.88 7.54
C GLU A 299 32.20 9.94 6.60
N ALA A 300 30.91 10.27 6.74
CA ALA A 300 30.29 11.25 5.85
C ALA A 300 30.81 12.66 6.11
N ARG A 301 31.23 12.94 7.36
CA ARG A 301 31.76 14.25 7.68
C ARG A 301 32.98 14.59 6.83
N ALA A 302 33.90 13.64 6.69
CA ALA A 302 35.12 13.88 5.93
C ALA A 302 34.83 14.18 4.46
N ALA A 303 33.78 13.57 3.91
CA ALA A 303 33.36 13.88 2.54
C ALA A 303 32.84 15.31 2.40
N GLY A 304 32.67 16.04 3.51
CA GLY A 304 32.23 17.40 3.51
C GLY A 304 30.82 17.59 4.02
N ALA A 305 29.97 16.57 3.87
CA ALA A 305 28.58 16.68 4.25
C ALA A 305 28.43 16.71 5.78
N THR A 306 27.26 17.17 6.23
CA THR A 306 26.92 17.01 7.64
C THR A 306 26.88 15.53 8.00
N GLY A 307 26.10 14.76 7.27
CA GLY A 307 26.02 13.32 7.47
C GLY A 307 25.34 12.62 6.32
N ILE A 308 24.61 11.54 6.62
CA ILE A 308 23.87 10.77 5.63
C ILE A 308 22.39 10.99 5.89
N ASN A 309 21.67 11.44 4.87
CA ASN A 309 20.27 11.83 5.00
C ASN A 309 19.43 10.80 4.25
N VAL A 310 18.81 9.89 5.00
CA VAL A 310 18.05 8.80 4.37
C VAL A 310 16.62 9.29 4.19
N VAL A 311 16.37 10.01 3.11
CA VAL A 311 14.97 10.40 2.80
C VAL A 311 14.31 9.12 2.33
N GLY A 312 13.05 9.19 1.89
CA GLY A 312 12.36 7.93 1.55
C GLY A 312 11.32 8.12 0.49
N ILE A 313 11.11 7.08 -0.31
CA ILE A 313 10.15 7.18 -1.43
C ILE A 313 9.27 5.93 -1.47
N CYS A 314 7.97 6.11 -1.68
CA CYS A 314 7.03 5.01 -1.80
C CYS A 314 6.92 4.20 -0.51
N CYS A 315 6.49 2.94 -0.63
CA CYS A 315 6.09 2.20 0.57
C CYS A 315 7.28 1.68 1.38
N THR A 316 8.45 1.46 0.79
CA THR A 316 9.59 1.18 1.67
C THR A 316 9.98 2.43 2.44
N GLY A 317 9.84 3.60 1.81
CA GLY A 317 10.00 4.84 2.54
C GLY A 317 9.02 4.97 3.68
N ASN A 318 7.77 4.57 3.45
CA ASN A 318 6.81 4.57 4.55
C ASN A 318 7.07 3.46 5.57
N GLU A 319 7.78 2.40 5.16
CA GLU A 319 8.15 1.33 6.12
C GLU A 319 9.17 1.89 7.11
N VAL A 320 10.19 2.56 6.60
CA VAL A 320 11.18 3.17 7.49
C VAL A 320 10.65 4.44 8.16
N LEU A 321 9.63 5.07 7.59
CA LEU A 321 8.94 6.15 8.27
C LEU A 321 8.16 5.64 9.48
N MET A 322 7.36 4.59 9.29
CA MET A 322 6.52 4.05 10.34
C MET A 322 7.33 3.36 11.42
N ARG A 323 8.61 3.09 11.17
CA ARG A 323 9.35 2.30 12.18
C ARG A 323 10.63 3.02 12.61
N HIS A 324 10.98 4.13 11.97
CA HIS A 324 12.23 4.78 12.34
C HIS A 324 12.16 6.30 12.28
N GLY A 325 11.00 6.89 12.01
CA GLY A 325 10.92 8.33 11.91
C GLY A 325 11.64 8.91 10.72
N ILE A 326 11.94 8.11 9.71
CA ILE A 326 12.64 8.62 8.52
C ILE A 326 11.70 9.54 7.74
N PRO A 327 12.15 10.72 7.35
CA PRO A 327 11.28 11.61 6.57
C PRO A 327 10.89 11.01 5.24
N ALA A 328 9.64 11.25 4.84
CA ALA A 328 9.14 10.80 3.54
C ALA A 328 9.44 11.87 2.49
N CYS A 329 10.25 11.51 1.50
CA CYS A 329 10.65 12.48 0.48
C CYS A 329 9.50 12.75 -0.50
N THR A 330 9.05 11.72 -1.21
CA THR A 330 7.94 11.86 -2.14
C THR A 330 7.42 10.47 -2.48
N HIS A 331 6.48 10.41 -3.42
CA HIS A 331 5.75 9.18 -3.71
C HIS A 331 5.60 9.05 -5.22
N SER A 332 4.66 8.17 -5.64
CA SER A 332 4.71 7.47 -6.92
C SER A 332 4.82 8.33 -8.17
N VAL A 333 3.79 9.12 -8.50
CA VAL A 333 3.80 9.77 -9.80
C VAL A 333 4.86 10.86 -9.87
N SER A 334 5.30 11.36 -8.71
CA SER A 334 6.30 12.41 -8.65
C SER A 334 7.62 11.92 -8.07
N GLN A 335 7.88 10.61 -8.10
CA GLN A 335 9.14 10.08 -7.60
C GLN A 335 10.33 10.71 -8.34
N GLU A 336 10.19 10.88 -9.65
CA GLU A 336 11.23 11.54 -10.44
C GLU A 336 11.58 12.90 -9.87
N MET A 337 10.61 13.58 -9.27
CA MET A 337 10.84 14.93 -8.76
C MET A 337 11.83 14.97 -7.62
N ALA A 338 12.17 13.83 -7.02
CA ALA A 338 13.24 13.82 -6.02
C ALA A 338 14.58 14.14 -6.68
N MET A 339 14.78 13.69 -7.92
CA MET A 339 16.06 13.82 -8.60
C MET A 339 16.28 15.20 -9.20
N ILE A 340 15.20 15.85 -9.67
CA ILE A 340 15.34 17.12 -10.38
C ILE A 340 15.94 18.19 -9.48
N THR A 341 15.85 18.03 -8.16
CA THR A 341 16.54 18.93 -7.24
C THR A 341 18.03 18.96 -7.53
N GLY A 342 18.60 17.85 -7.98
CA GLY A 342 20.02 17.77 -8.24
C GLY A 342 20.87 17.53 -7.03
N ALA A 343 20.27 17.49 -5.84
CA ALA A 343 20.98 17.21 -4.59
C ALA A 343 20.67 15.82 -4.06
N LEU A 344 20.09 14.95 -4.89
CA LEU A 344 19.79 13.57 -4.51
C LEU A 344 20.95 12.70 -5.00
N ASP A 345 21.70 12.14 -4.07
CA ASP A 345 22.92 11.41 -4.42
C ASP A 345 22.62 9.97 -4.81
N ALA A 346 21.93 9.23 -3.95
CA ALA A 346 21.69 7.81 -4.17
C ALA A 346 20.20 7.52 -4.29
N MET A 347 19.90 6.37 -4.90
CA MET A 347 18.54 5.88 -5.06
C MET A 347 18.58 4.36 -4.97
N ILE A 348 18.26 3.84 -3.79
CA ILE A 348 18.33 2.40 -3.53
C ILE A 348 16.98 1.78 -3.84
N LEU A 349 16.97 0.85 -4.78
CA LEU A 349 15.75 0.24 -5.30
C LEU A 349 15.70 -1.24 -4.96
N ASP A 350 14.60 -1.67 -4.32
CA ASP A 350 14.35 -3.10 -4.30
C ASP A 350 13.39 -3.50 -5.42
N TYR A 351 12.14 -3.05 -5.37
CA TYR A 351 11.19 -3.35 -6.44
C TYR A 351 9.84 -2.67 -6.19
N GLN A 352 9.09 -2.51 -7.29
CA GLN A 352 7.67 -2.17 -7.35
C GLN A 352 7.42 -0.67 -7.36
N CYS A 353 6.52 -0.24 -8.24
CA CYS A 353 6.13 1.17 -8.41
C CYS A 353 7.34 2.08 -8.51
N ILE A 354 8.37 1.60 -9.20
CA ILE A 354 9.56 2.37 -9.53
C ILE A 354 9.50 2.63 -11.02
N GLN A 355 9.35 3.90 -11.40
CA GLN A 355 9.40 4.24 -12.81
C GLN A 355 10.83 4.01 -13.28
N PRO A 356 11.06 3.12 -14.26
CA PRO A 356 12.43 2.90 -14.74
C PRO A 356 13.04 4.14 -15.35
N SER A 357 12.20 5.12 -15.72
CA SER A 357 12.68 6.38 -16.27
C SER A 357 13.78 7.00 -15.42
N VAL A 358 13.76 6.77 -14.11
CA VAL A 358 14.78 7.36 -13.24
C VAL A 358 16.18 7.01 -13.74
N ALA A 359 16.39 5.76 -14.17
CA ALA A 359 17.70 5.33 -14.63
C ALA A 359 18.20 6.21 -15.78
N THR A 360 17.30 6.60 -16.68
CA THR A 360 17.69 7.54 -17.72
C THR A 360 17.89 8.94 -17.15
N ILE A 361 16.92 9.40 -16.34
CA ILE A 361 16.94 10.78 -15.86
C ILE A 361 18.19 11.05 -15.04
N ALA A 362 18.73 10.00 -14.41
CA ALA A 362 19.95 10.15 -13.61
C ALA A 362 21.07 10.79 -14.42
N GLU A 363 21.23 10.41 -15.70
CA GLU A 363 22.33 10.96 -16.49
C GLU A 363 22.28 12.48 -16.52
N CYS A 364 21.09 13.06 -16.45
CA CYS A 364 20.98 14.51 -16.43
C CYS A 364 21.13 15.09 -15.03
N THR A 365 20.64 14.40 -14.01
CA THR A 365 20.59 14.98 -12.67
C THR A 365 21.79 14.62 -11.80
N GLY A 366 22.63 13.67 -12.22
CA GLY A 366 23.78 13.29 -11.44
C GLY A 366 23.51 12.30 -10.32
N THR A 367 22.26 11.88 -10.14
CA THR A 367 21.94 10.87 -9.15
C THR A 367 22.51 9.52 -9.59
N THR A 368 22.90 8.71 -8.60
CA THR A 368 23.40 7.36 -8.85
C THR A 368 22.32 6.37 -8.44
N VAL A 369 21.71 5.73 -9.44
CA VAL A 369 20.62 4.79 -9.22
C VAL A 369 21.20 3.41 -8.96
N ILE A 370 20.73 2.75 -7.90
CA ILE A 370 21.22 1.43 -7.51
C ILE A 370 20.04 0.48 -7.44
N THR A 371 20.17 -0.66 -8.12
CA THR A 371 19.26 -1.79 -7.97
C THR A 371 19.95 -2.87 -7.17
N THR A 372 19.19 -3.56 -6.32
CA THR A 372 19.76 -4.54 -5.41
C THR A 372 19.13 -5.92 -5.48
N MET A 373 18.04 -6.09 -6.24
CA MET A 373 17.41 -7.40 -6.38
C MET A 373 17.83 -8.06 -7.68
N GLU A 374 18.08 -9.37 -7.61
CA GLU A 374 18.44 -10.13 -8.79
C GLU A 374 17.33 -10.10 -9.83
N MET A 375 16.08 -10.12 -9.39
CA MET A 375 14.92 -10.23 -10.25
C MET A 375 14.29 -8.87 -10.59
N SER A 376 14.93 -7.77 -10.22
CA SER A 376 14.42 -6.44 -10.54
C SER A 376 15.61 -5.54 -10.89
N LYS A 377 15.92 -5.47 -12.19
CA LYS A 377 17.02 -4.67 -12.70
C LYS A 377 16.49 -3.69 -13.74
N ILE A 378 17.13 -2.53 -13.81
CA ILE A 378 16.84 -1.52 -14.82
C ILE A 378 18.09 -1.35 -15.69
N THR A 379 17.90 -1.36 -17.01
CA THR A 379 19.02 -1.13 -17.91
C THR A 379 19.56 0.29 -17.71
N GLY A 380 20.87 0.38 -17.47
CA GLY A 380 21.50 1.65 -17.19
C GLY A 380 21.60 2.01 -15.72
N ALA A 381 21.08 1.18 -14.83
CA ALA A 381 21.12 1.43 -13.40
C ALA A 381 22.10 0.47 -12.73
N THR A 382 22.94 1.00 -11.84
CA THR A 382 23.92 0.17 -11.14
C THR A 382 23.22 -0.93 -10.35
N HIS A 383 23.73 -2.15 -10.46
CA HIS A 383 23.20 -3.28 -9.73
C HIS A 383 24.18 -3.69 -8.64
N VAL A 384 23.65 -3.89 -7.43
CA VAL A 384 24.42 -4.39 -6.30
C VAL A 384 23.73 -5.67 -5.83
N ASN A 385 24.32 -6.81 -6.14
CA ASN A 385 23.70 -8.08 -5.78
C ASN A 385 23.64 -8.19 -4.26
N PHE A 386 22.46 -8.01 -3.71
CA PHE A 386 22.26 -7.85 -2.27
C PHE A 386 21.85 -9.19 -1.67
N ALA A 387 22.48 -9.54 -0.56
CA ALA A 387 22.17 -10.75 0.18
C ALA A 387 21.98 -10.41 1.64
N GLU A 388 21.05 -11.10 2.30
CA GLU A 388 20.95 -10.99 3.75
C GLU A 388 22.28 -11.33 4.40
N GLU A 389 22.96 -12.35 3.87
CA GLU A 389 24.23 -12.80 4.42
C GLU A 389 25.26 -11.67 4.47
N ALA A 390 25.24 -10.78 3.47
CA ALA A 390 26.15 -9.64 3.42
C ALA A 390 25.39 -8.33 3.60
N ALA A 391 24.29 -8.36 4.36
CA ALA A 391 23.38 -7.21 4.45
C ALA A 391 24.11 -5.93 4.81
N VAL A 392 24.96 -5.97 5.84
CA VAL A 392 25.72 -4.78 6.21
C VAL A 392 26.77 -4.45 5.15
N GLU A 393 27.50 -5.47 4.68
CA GLU A 393 28.58 -5.23 3.72
C GLU A 393 28.08 -4.41 2.56
N ASN A 394 27.11 -4.97 1.82
CA ASN A 394 26.44 -4.26 0.73
C ASN A 394 26.12 -2.83 1.16
N ALA A 395 25.43 -2.69 2.29
CA ALA A 395 25.01 -1.36 2.76
C ALA A 395 26.20 -0.43 2.87
N LYS A 396 27.27 -0.87 3.55
CA LYS A 396 28.44 0.01 3.71
C LYS A 396 28.99 0.42 2.35
N GLN A 397 29.01 -0.51 1.39
CA GLN A 397 29.43 -0.16 0.04
C GLN A 397 28.50 0.89 -0.55
N ILE A 398 27.19 0.65 -0.47
CA ILE A 398 26.22 1.49 -1.17
C ILE A 398 26.28 2.93 -0.68
N LEU A 399 26.27 3.12 0.64
CA LEU A 399 26.42 4.45 1.21
C LEU A 399 27.63 5.16 0.64
N ARG A 400 28.76 4.44 0.57
CA ARG A 400 29.99 5.06 0.08
C ARG A 400 29.78 5.61 -1.33
N LEU A 401 29.09 4.84 -2.18
CA LEU A 401 28.73 5.32 -3.51
C LEU A 401 28.05 6.69 -3.42
N ALA A 402 26.99 6.76 -2.62
CA ALA A 402 26.29 8.03 -2.41
C ALA A 402 27.25 9.09 -1.90
N ILE A 403 28.08 8.71 -0.92
CA ILE A 403 29.07 9.65 -0.39
C ILE A 403 29.96 10.14 -1.51
N ASP A 404 30.43 9.22 -2.36
CA ASP A 404 31.23 9.64 -3.51
C ASP A 404 30.42 10.53 -4.44
N THR A 405 29.15 10.18 -4.66
CA THR A 405 28.30 11.02 -5.50
C THR A 405 28.06 12.39 -4.89
N PHE A 406 28.23 12.53 -3.57
CA PHE A 406 28.17 13.85 -2.97
C PHE A 406 29.43 14.66 -3.25
N LYS A 407 30.58 13.99 -3.39
CA LYS A 407 31.82 14.71 -3.61
C LYS A 407 31.76 15.46 -4.94
N ARG A 408 31.16 14.86 -5.96
CA ARG A 408 30.99 15.58 -7.23
C ARG A 408 30.10 16.81 -7.06
N ARG A 409 29.19 16.78 -6.09
CA ARG A 409 28.29 17.90 -5.86
C ARG A 409 28.90 19.06 -5.08
N LYS A 410 30.15 18.92 -4.62
CA LYS A 410 30.79 19.94 -3.80
C LYS A 410 30.72 21.32 -4.46
N GLY A 411 30.25 22.30 -3.70
CA GLY A 411 30.23 23.68 -4.12
C GLY A 411 29.51 23.95 -5.43
N LYS A 412 28.32 23.38 -5.59
CA LYS A 412 27.51 23.46 -6.80
C LYS A 412 26.11 23.95 -6.46
N PRO A 413 25.29 24.30 -7.47
CA PRO A 413 23.92 24.75 -7.19
C PRO A 413 22.88 23.64 -7.25
N VAL A 414 21.90 23.71 -6.34
CA VAL A 414 20.76 22.81 -6.33
C VAL A 414 19.50 23.63 -6.06
N GLU A 415 18.34 23.00 -6.33
CA GLU A 415 17.04 23.65 -6.16
C GLU A 415 16.11 22.72 -5.38
N ILE A 416 16.16 22.79 -4.06
CA ILE A 416 15.22 22.08 -3.20
C ILE A 416 14.07 23.02 -2.88
N PRO A 417 12.82 22.69 -3.25
CA PRO A 417 11.69 23.51 -2.80
C PRO A 417 11.67 23.58 -1.29
N ASN A 418 11.72 24.80 -0.75
CA ASN A 418 11.75 24.98 0.70
C ASN A 418 10.37 24.71 1.27
N ILE A 419 9.87 23.48 1.07
CA ILE A 419 8.48 23.12 1.34
C ILE A 419 8.48 21.74 2.00
N LYS A 420 7.88 21.65 3.18
CA LYS A 420 7.69 20.35 3.83
C LYS A 420 6.60 20.51 4.89
N THR A 421 5.97 19.38 5.22
CA THR A 421 4.89 19.37 6.20
C THR A 421 5.22 18.41 7.35
N LYS A 422 4.37 18.45 8.37
CA LYS A 422 4.55 17.68 9.59
C LYS A 422 3.63 16.47 9.59
N VAL A 423 4.19 15.30 9.86
CA VAL A 423 3.49 14.03 9.73
C VAL A 423 3.63 13.24 11.02
N VAL A 424 2.51 12.75 11.53
CA VAL A 424 2.46 11.84 12.67
C VAL A 424 2.02 10.48 12.16
N ALA A 425 2.80 9.45 12.50
CA ALA A 425 2.66 8.12 11.90
C ALA A 425 2.95 7.09 12.97
N GLY A 426 3.19 5.85 12.55
CA GLY A 426 3.44 4.80 13.51
C GLY A 426 2.20 4.32 14.22
N PHE A 427 1.02 4.62 13.67
CA PHE A 427 -0.24 4.16 14.26
C PHE A 427 -0.56 2.77 13.75
N SER A 428 0.23 1.81 14.23
CA SER A 428 -0.09 0.41 14.04
C SER A 428 -1.35 0.05 14.83
N THR A 429 -1.97 -1.06 14.44
CA THR A 429 -3.12 -1.55 15.18
C THR A 429 -2.77 -1.77 16.65
N GLU A 430 -1.55 -2.25 16.91
CA GLU A 430 -1.07 -2.33 18.29
C GLU A 430 -1.08 -0.94 18.93
N ALA A 431 -0.49 0.04 18.26
CA ALA A 431 -0.44 1.40 18.80
C ALA A 431 -1.84 1.99 18.94
N ILE A 432 -2.70 1.75 17.94
CA ILE A 432 -4.06 2.29 17.98
C ILE A 432 -4.81 1.74 19.19
N ILE A 433 -4.73 0.43 19.39
CA ILE A 433 -5.45 -0.20 20.50
C ILE A 433 -4.86 0.22 21.84
N ASN A 434 -3.53 0.37 21.91
CA ASN A 434 -2.92 0.86 23.15
C ASN A 434 -3.38 2.27 23.47
N ALA A 435 -3.46 3.13 22.45
CA ALA A 435 -3.96 4.49 22.65
C ALA A 435 -5.41 4.46 23.12
N LEU A 436 -6.20 3.53 22.58
CA LEU A 436 -7.60 3.42 22.98
C LEU A 436 -7.73 2.89 24.39
N SER A 437 -6.79 2.04 24.84
CA SER A 437 -6.88 1.42 26.16
C SER A 437 -6.69 2.42 27.29
N LYS A 438 -6.11 3.59 27.02
CA LYS A 438 -6.03 4.63 28.04
C LYS A 438 -7.42 5.09 28.45
N LEU A 439 -8.41 4.98 27.56
CA LEU A 439 -9.78 5.34 27.86
C LEU A 439 -10.58 4.19 28.44
N ASN A 440 -10.16 2.95 28.21
CA ASN A 440 -10.78 1.78 28.84
C ASN A 440 -9.71 0.69 28.87
N ALA A 441 -9.18 0.41 30.06
CA ALA A 441 -8.07 -0.52 30.18
C ALA A 441 -8.48 -1.95 29.86
N ASN A 442 -9.67 -2.35 30.31
CA ASN A 442 -10.14 -3.72 30.14
C ASN A 442 -10.87 -3.94 28.82
N ASP A 443 -11.08 -2.89 28.04
CA ASP A 443 -11.90 -2.98 26.84
C ASP A 443 -11.56 -1.82 25.91
N PRO A 444 -10.38 -1.83 25.30
CA PRO A 444 -9.94 -0.65 24.52
C PRO A 444 -10.83 -0.33 23.34
N LEU A 445 -11.50 -1.32 22.76
CA LEU A 445 -12.37 -1.09 21.61
C LEU A 445 -13.67 -0.41 21.99
N LYS A 446 -14.08 -0.52 23.25
CA LYS A 446 -15.36 0.05 23.66
C LYS A 446 -15.42 1.57 23.52
N PRO A 447 -14.39 2.36 23.86
CA PRO A 447 -14.50 3.81 23.61
C PRO A 447 -14.76 4.14 22.14
N LEU A 448 -14.05 3.49 21.23
CA LEU A 448 -14.30 3.73 19.80
C LEU A 448 -15.72 3.36 19.43
N ILE A 449 -16.19 2.20 19.90
CA ILE A 449 -17.53 1.76 19.50
C ILE A 449 -18.60 2.62 20.19
N ASP A 450 -18.33 3.09 21.40
CA ASP A 450 -19.21 4.03 22.08
C ASP A 450 -19.39 5.29 21.26
N ASN A 451 -18.28 5.86 20.78
CA ASN A 451 -18.37 7.07 20.00
C ASN A 451 -18.91 6.82 18.60
N VAL A 452 -18.82 5.58 18.11
CA VAL A 452 -19.56 5.19 16.91
C VAL A 452 -21.06 5.25 17.17
N VAL A 453 -21.49 4.73 18.32
CA VAL A 453 -22.92 4.64 18.64
C VAL A 453 -23.53 6.03 18.78
N ASN A 454 -22.84 6.93 19.46
CA ASN A 454 -23.38 8.24 19.80
C ASN A 454 -23.18 9.29 18.72
N GLY A 455 -22.64 8.92 17.56
CA GLY A 455 -22.58 9.80 16.42
C GLY A 455 -21.35 10.67 16.31
N ASN A 456 -20.47 10.67 17.31
CA ASN A 456 -19.25 11.47 17.21
C ASN A 456 -18.28 10.88 16.20
N ILE A 457 -18.30 9.56 16.02
CA ILE A 457 -17.60 8.90 14.93
C ILE A 457 -18.67 8.23 14.08
N ARG A 458 -18.85 8.72 12.85
CA ARG A 458 -19.91 8.21 11.99
C ARG A 458 -19.53 6.85 11.39
N GLY A 459 -18.40 6.81 10.69
CA GLY A 459 -17.91 5.57 10.13
C GLY A 459 -16.39 5.50 10.13
N VAL A 460 -15.82 4.57 9.37
CA VAL A 460 -14.39 4.43 9.21
C VAL A 460 -14.08 4.29 7.73
N CYS A 461 -13.09 5.04 7.24
CA CYS A 461 -12.67 4.97 5.84
C CYS A 461 -11.17 4.76 5.78
N LEU A 462 -10.75 3.77 5.00
CA LEU A 462 -9.35 3.50 4.74
C LEU A 462 -9.00 4.01 3.35
N PHE A 463 -8.19 5.06 3.29
CA PHE A 463 -7.61 5.49 2.02
C PHE A 463 -6.38 4.65 1.71
N ALA A 464 -6.42 3.90 0.63
CA ALA A 464 -5.31 3.09 0.18
C ALA A 464 -5.10 3.35 -1.30
N GLY A 465 -4.08 2.71 -1.87
CA GLY A 465 -3.87 2.77 -3.31
C GLY A 465 -2.86 3.81 -3.72
N CYS A 466 -2.63 3.85 -5.03
CA CYS A 466 -1.52 4.57 -5.63
C CYS A 466 -1.91 6.02 -5.90
N ASN A 467 -1.02 6.73 -6.60
CA ASN A 467 -1.40 7.88 -7.41
C ASN A 467 -1.55 7.41 -8.85
N ASN A 468 -1.92 8.32 -9.74
CA ASN A 468 -2.11 7.94 -11.13
C ASN A 468 -1.99 9.19 -11.99
N VAL A 469 -1.18 9.12 -13.05
CA VAL A 469 -0.91 10.29 -13.89
C VAL A 469 -2.18 10.83 -14.51
N LYS A 470 -3.23 10.02 -14.59
CA LYS A 470 -4.51 10.46 -15.13
C LYS A 470 -5.27 11.35 -14.15
N VAL A 471 -4.89 11.35 -12.88
CA VAL A 471 -5.55 12.14 -11.85
C VAL A 471 -4.55 13.20 -11.36
N PRO A 472 -4.95 14.48 -11.29
CA PRO A 472 -4.09 15.47 -10.63
C PRO A 472 -3.63 14.96 -9.29
N GLN A 473 -2.30 14.91 -9.09
CA GLN A 473 -1.74 14.18 -7.96
C GLN A 473 -2.31 14.68 -6.64
N ASP A 474 -2.83 13.73 -5.85
CA ASP A 474 -3.38 13.93 -4.50
C ASP A 474 -4.73 14.65 -4.51
N GLN A 475 -5.40 14.76 -5.65
CA GLN A 475 -6.67 15.49 -5.68
C GLN A 475 -7.79 14.68 -5.04
N ASN A 476 -8.00 13.45 -5.52
CA ASN A 476 -9.11 12.64 -5.02
C ASN A 476 -8.97 12.37 -3.53
N PHE A 477 -7.78 11.96 -3.10
CA PHE A 477 -7.55 11.66 -1.70
C PHE A 477 -7.88 12.86 -0.82
N THR A 478 -7.33 14.03 -1.15
CA THR A 478 -7.52 15.19 -0.30
C THR A 478 -8.97 15.68 -0.31
N THR A 479 -9.62 15.71 -1.48
CA THR A 479 -11.00 16.18 -1.53
C THR A 479 -11.94 15.26 -0.74
N ILE A 480 -11.85 13.96 -1.00
CA ILE A 480 -12.72 13.02 -0.31
C ILE A 480 -12.40 13.00 1.18
N ALA A 481 -11.11 13.15 1.53
CA ALA A 481 -10.73 13.21 2.93
C ALA A 481 -11.32 14.44 3.62
N ARG A 482 -11.28 15.59 2.95
CA ARG A 482 -11.92 16.79 3.49
C ARG A 482 -13.39 16.53 3.79
N LYS A 483 -14.11 15.99 2.79
CA LYS A 483 -15.54 15.75 2.96
C LYS A 483 -15.81 14.78 4.09
N LEU A 484 -15.05 13.67 4.15
CA LEU A 484 -15.26 12.68 5.19
C LEU A 484 -14.93 13.23 6.57
N LEU A 485 -13.88 14.05 6.67
CA LEU A 485 -13.46 14.57 7.96
C LEU A 485 -14.42 15.62 8.49
N LYS A 486 -15.03 16.41 7.60
CA LYS A 486 -16.08 17.33 8.05
C LYS A 486 -17.27 16.59 8.65
N GLN A 487 -17.47 15.33 8.28
CA GLN A 487 -18.67 14.57 8.61
C GLN A 487 -18.43 13.48 9.65
N ASN A 488 -17.39 13.62 10.46
CA ASN A 488 -17.15 12.76 11.63
C ASN A 488 -16.79 11.32 11.23
N VAL A 489 -16.01 11.16 10.17
CA VAL A 489 -15.51 9.85 9.75
C VAL A 489 -14.08 9.69 10.26
N LEU A 490 -13.81 8.59 10.95
CA LEU A 490 -12.45 8.26 11.38
C LEU A 490 -11.70 7.68 10.17
N VAL A 491 -10.71 8.40 9.68
CA VAL A 491 -10.03 8.06 8.43
C VAL A 491 -8.62 7.58 8.76
N VAL A 492 -8.26 6.41 8.22
CA VAL A 492 -6.90 5.89 8.24
C VAL A 492 -6.41 5.83 6.80
N ALA A 493 -5.10 5.69 6.64
CA ALA A 493 -4.52 5.72 5.30
C ALA A 493 -3.26 4.86 5.26
N THR A 494 -3.02 4.28 4.09
CA THR A 494 -1.84 3.46 3.84
C THR A 494 -1.25 3.84 2.48
N GLY A 495 -0.01 3.40 2.27
CA GLY A 495 0.62 3.48 0.96
C GLY A 495 0.67 4.89 0.40
N CYS A 496 0.47 4.99 -0.91
CA CYS A 496 0.50 6.29 -1.57
C CYS A 496 -0.69 7.16 -1.20
N GLY A 497 -1.79 6.56 -0.76
CA GLY A 497 -2.85 7.37 -0.17
C GLY A 497 -2.40 8.07 1.09
N ALA A 498 -1.70 7.34 1.96
CA ALA A 498 -1.11 7.94 3.14
C ALA A 498 -0.07 8.98 2.76
N GLY A 499 0.70 8.72 1.71
CA GLY A 499 1.68 9.70 1.25
C GLY A 499 1.02 10.98 0.76
N ALA A 500 -0.06 10.85 0.00
CA ALA A 500 -0.79 12.01 -0.49
C ALA A 500 -1.38 12.81 0.67
N LEU A 501 -1.94 12.12 1.66
CA LEU A 501 -2.52 12.83 2.79
C LEU A 501 -1.44 13.47 3.67
N MET A 502 -0.27 12.85 3.79
CA MET A 502 0.76 13.41 4.65
C MET A 502 1.50 14.57 3.98
N ARG A 503 1.68 14.53 2.65
CA ARG A 503 2.34 15.63 1.98
C ARG A 503 1.48 16.89 1.93
N HIS A 504 0.19 16.77 2.23
CA HIS A 504 -0.70 17.93 2.27
C HIS A 504 -1.18 18.23 3.69
N GLY A 505 -0.52 17.65 4.69
CA GLY A 505 -0.72 18.05 6.07
C GLY A 505 -1.77 17.28 6.85
N PHE A 506 -2.35 16.22 6.28
CA PHE A 506 -3.43 15.51 6.94
C PHE A 506 -2.97 14.71 8.15
N MET A 507 -1.67 14.57 8.37
CA MET A 507 -1.13 13.89 9.54
C MET A 507 -0.59 14.86 10.59
N ASP A 508 -1.11 16.09 10.61
CA ASP A 508 -0.66 17.10 11.56
C ASP A 508 -1.82 17.48 12.47
N PRO A 509 -1.73 17.21 13.78
CA PRO A 509 -2.84 17.54 14.68
C PRO A 509 -3.20 19.01 14.68
N ALA A 510 -2.24 19.89 14.35
CA ALA A 510 -2.51 21.32 14.25
C ALA A 510 -3.60 21.65 13.25
N ASN A 511 -3.96 20.71 12.38
CA ASN A 511 -5.03 20.91 11.41
C ASN A 511 -6.33 20.22 11.77
N VAL A 512 -6.34 19.42 12.85
CA VAL A 512 -7.59 18.81 13.33
C VAL A 512 -8.66 19.88 13.51
N ASP A 513 -8.24 21.11 13.82
CA ASP A 513 -9.19 22.20 13.98
C ASP A 513 -9.85 22.57 12.66
N GLU A 514 -9.04 22.76 11.61
CA GLU A 514 -9.59 23.13 10.31
C GLU A 514 -10.38 22.00 9.68
N LEU A 515 -9.97 20.76 9.92
CA LEU A 515 -10.37 19.60 9.13
C LEU A 515 -11.54 18.83 9.72
N CYS A 516 -11.43 18.44 10.99
CA CYS A 516 -12.33 17.46 11.57
C CYS A 516 -13.64 18.10 12.02
N GLY A 517 -14.70 17.30 11.98
CA GLY A 517 -15.96 17.70 12.60
C GLY A 517 -15.87 17.63 14.10
N ASP A 518 -16.91 18.16 14.76
CA ASP A 518 -16.86 18.32 16.22
C ASP A 518 -16.73 16.98 16.94
N GLY A 519 -17.50 15.97 16.53
CA GLY A 519 -17.45 14.69 17.21
C GLY A 519 -16.14 13.95 17.02
N LEU A 520 -15.70 13.85 15.76
CA LEU A 520 -14.37 13.31 15.48
C LEU A 520 -13.30 14.09 16.23
N LYS A 521 -13.44 15.41 16.27
CA LYS A 521 -12.50 16.25 17.01
C LYS A 521 -12.46 15.86 18.49
N ALA A 522 -13.63 15.66 19.09
CA ALA A 522 -13.68 15.29 20.50
C ALA A 522 -13.01 13.94 20.74
N VAL A 523 -13.28 12.96 19.87
CA VAL A 523 -12.69 11.63 20.07
C VAL A 523 -11.19 11.68 19.92
N LEU A 524 -10.71 12.33 18.84
CA LEU A 524 -9.28 12.42 18.60
C LEU A 524 -8.58 13.16 19.74
N THR A 525 -9.17 14.27 20.19
CA THR A 525 -8.55 15.08 21.23
C THR A 525 -8.56 14.37 22.58
N ALA A 526 -9.57 13.55 22.83
CA ALA A 526 -9.55 12.72 24.02
C ALA A 526 -8.40 11.73 23.98
N ILE A 527 -8.31 10.96 22.89
CA ILE A 527 -7.31 9.88 22.83
C ILE A 527 -5.90 10.46 22.87
N GLY A 528 -5.63 11.46 22.03
CA GLY A 528 -4.28 11.97 21.90
C GLY A 528 -3.75 12.57 23.18
N GLU A 529 -4.53 13.46 23.80
CA GLU A 529 -4.10 14.04 25.06
C GLU A 529 -4.05 12.99 26.18
N ALA A 530 -4.88 11.94 26.09
CA ALA A 530 -4.79 10.87 27.07
C ALA A 530 -3.48 10.13 26.97
N ASN A 531 -2.91 10.03 25.76
CA ASN A 531 -1.68 9.26 25.55
C ASN A 531 -0.40 10.04 25.79
N GLY A 532 -0.42 11.07 26.63
CA GLY A 532 0.78 11.83 26.88
C GLY A 532 1.29 12.63 25.69
N LEU A 533 0.59 12.58 24.56
CA LEU A 533 0.97 13.39 23.40
C LEU A 533 0.76 14.86 23.69
N GLY A 534 -0.26 15.19 24.48
CA GLY A 534 -0.61 16.57 24.79
C GLY A 534 -1.47 17.26 23.76
N GLY A 535 -1.90 16.55 22.72
CA GLY A 535 -2.74 17.11 21.70
C GLY A 535 -3.53 16.04 21.00
N PRO A 536 -4.52 16.43 20.20
CA PRO A 536 -5.35 15.44 19.50
C PRO A 536 -4.51 14.57 18.57
N LEU A 537 -5.01 13.37 18.33
CA LEU A 537 -4.41 12.52 17.31
C LEU A 537 -4.56 13.21 15.95
N PRO A 538 -3.61 12.98 15.03
CA PRO A 538 -3.65 13.69 13.74
C PRO A 538 -4.94 13.44 12.99
N PRO A 539 -5.29 14.30 12.03
CA PRO A 539 -6.55 14.13 11.31
C PRO A 539 -6.67 12.81 10.56
N VAL A 540 -5.55 12.23 10.12
CA VAL A 540 -5.57 10.94 9.45
C VAL A 540 -4.56 10.02 10.14
N LEU A 541 -4.96 8.76 10.34
CA LEU A 541 -4.12 7.78 11.02
C LEU A 541 -3.35 7.02 9.94
N HIS A 542 -2.10 7.41 9.73
CA HIS A 542 -1.20 6.71 8.82
C HIS A 542 -0.94 5.31 9.37
N MET A 543 -1.37 4.28 8.63
CA MET A 543 -1.26 2.91 9.10
C MET A 543 -0.19 2.10 8.35
N GLY A 544 0.62 2.75 7.52
CA GLY A 544 1.81 2.11 6.98
C GLY A 544 1.77 2.00 5.47
N SER A 545 2.36 0.92 4.97
CA SER A 545 2.59 0.72 3.54
C SER A 545 1.39 0.03 2.89
N CYS A 546 1.55 -0.41 1.64
CA CYS A 546 0.45 -1.09 0.95
C CYS A 546 0.17 -2.45 1.55
N VAL A 547 1.21 -3.23 1.86
CA VAL A 547 0.99 -4.51 2.52
C VAL A 547 0.33 -4.30 3.88
N ASP A 548 0.69 -3.23 4.57
CA ASP A 548 0.14 -2.93 5.88
C ASP A 548 -1.32 -2.51 5.83
N ASN A 549 -1.94 -2.53 4.65
CA ASN A 549 -3.40 -2.52 4.60
C ASN A 549 -3.97 -3.69 5.39
N SER A 550 -3.21 -4.78 5.49
CA SER A 550 -3.60 -5.89 6.34
C SER A 550 -3.88 -5.43 7.76
N ARG A 551 -3.13 -4.44 8.24
CA ARG A 551 -3.39 -3.86 9.55
C ARG A 551 -4.85 -3.44 9.67
N ALA A 552 -5.33 -2.69 8.68
CA ALA A 552 -6.72 -2.24 8.70
C ALA A 552 -7.68 -3.42 8.67
N VAL A 553 -7.29 -4.54 8.07
CA VAL A 553 -8.07 -5.75 8.21
C VAL A 553 -8.15 -6.16 9.67
N ALA A 554 -6.99 -6.37 10.30
CA ALA A 554 -6.94 -6.77 11.70
C ALA A 554 -7.86 -5.91 12.55
N LEU A 555 -7.60 -4.59 12.55
CA LEU A 555 -8.43 -3.68 13.33
C LEU A 555 -9.89 -3.87 13.02
N VAL A 556 -10.25 -3.82 11.73
CA VAL A 556 -11.65 -4.00 11.36
C VAL A 556 -12.14 -5.37 11.84
N ALA A 557 -11.37 -6.42 11.57
CA ALA A 557 -11.73 -7.74 12.04
C ALA A 557 -12.01 -7.70 13.54
N ALA A 558 -11.09 -7.12 14.31
CA ALA A 558 -11.27 -7.07 15.76
C ALA A 558 -12.62 -6.44 16.09
N LEU A 559 -12.92 -5.28 15.50
CA LEU A 559 -14.19 -4.62 15.81
C LEU A 559 -15.36 -5.53 15.51
N ALA A 560 -15.34 -6.20 14.35
CA ALA A 560 -16.40 -7.14 14.02
C ALA A 560 -16.53 -8.20 15.12
N ASN A 561 -15.40 -8.78 15.52
CA ASN A 561 -15.41 -9.78 16.59
C ASN A 561 -16.02 -9.19 17.85
N ARG A 562 -15.73 -7.94 18.14
CA ARG A 562 -16.24 -7.34 19.39
C ARG A 562 -17.75 -7.18 19.26
N LEU A 563 -18.23 -6.81 18.07
CA LEU A 563 -19.66 -6.61 17.90
C LEU A 563 -20.41 -7.89 17.61
N GLY A 564 -19.71 -9.00 17.37
CA GLY A 564 -20.37 -10.25 17.02
C GLY A 564 -21.13 -10.18 15.72
N VAL A 565 -20.65 -9.39 14.76
CA VAL A 565 -21.24 -9.29 13.42
C VAL A 565 -20.10 -9.37 12.41
N ASP A 566 -20.47 -9.56 11.15
CA ASP A 566 -19.49 -9.69 10.09
C ASP A 566 -19.04 -8.30 9.61
N LEU A 567 -17.95 -8.29 8.84
CA LEU A 567 -17.38 -7.04 8.35
C LEU A 567 -18.35 -6.27 7.46
N ASP A 568 -19.28 -6.97 6.81
CA ASP A 568 -20.24 -6.34 5.92
C ASP A 568 -21.38 -5.66 6.65
N ARG A 569 -21.35 -5.61 7.98
CA ARG A 569 -22.33 -4.89 8.77
C ARG A 569 -21.75 -3.64 9.42
N LEU A 570 -20.47 -3.36 9.19
CA LEU A 570 -19.79 -2.28 9.89
C LEU A 570 -19.70 -1.04 9.03
N PRO A 571 -19.72 0.15 9.65
CA PRO A 571 -19.59 1.39 8.87
C PRO A 571 -18.15 1.62 8.42
N VAL A 572 -17.58 0.63 7.75
CA VAL A 572 -16.21 0.67 7.29
C VAL A 572 -16.20 0.56 5.77
N VAL A 573 -15.55 1.50 5.10
CA VAL A 573 -15.41 1.51 3.65
C VAL A 573 -13.95 1.76 3.31
N ALA A 574 -13.59 1.46 2.07
CA ALA A 574 -12.24 1.70 1.57
C ALA A 574 -12.33 2.52 0.30
N SER A 575 -11.28 3.30 0.02
CA SER A 575 -11.26 4.15 -1.17
C SER A 575 -9.85 4.14 -1.76
N ALA A 576 -9.65 3.31 -2.79
CA ALA A 576 -8.44 3.39 -3.62
C ALA A 576 -8.67 4.54 -4.60
N ALA A 577 -8.45 5.76 -4.12
CA ALA A 577 -8.95 6.93 -4.82
C ALA A 577 -8.18 7.24 -6.09
N GLU A 578 -6.90 6.87 -6.16
CA GLU A 578 -6.06 7.18 -7.32
C GLU A 578 -5.25 5.95 -7.71
N ALA A 579 -5.90 4.79 -7.75
CA ALA A 579 -5.20 3.53 -7.98
C ALA A 579 -4.53 3.50 -9.35
N MET A 580 -3.31 2.96 -9.39
CA MET A 580 -2.60 2.71 -10.64
C MET A 580 -2.16 1.27 -10.81
N HIS A 581 -1.56 0.68 -9.76
CA HIS A 581 -0.91 -0.66 -9.89
C HIS A 581 -1.84 -1.84 -9.74
N GLU A 582 -1.55 -2.91 -10.48
CA GLU A 582 -2.28 -4.17 -10.38
C GLU A 582 -2.52 -4.55 -8.92
N LYS A 583 -1.55 -4.25 -8.07
CA LYS A 583 -1.72 -4.51 -6.63
C LYS A 583 -2.99 -3.81 -6.15
N ALA A 584 -3.18 -2.55 -6.56
CA ALA A 584 -4.35 -1.81 -6.11
C ALA A 584 -5.64 -2.49 -6.52
N VAL A 585 -5.68 -3.04 -7.74
CA VAL A 585 -6.87 -3.77 -8.19
C VAL A 585 -7.11 -4.99 -7.31
N ALA A 586 -6.04 -5.75 -7.03
CA ALA A 586 -6.20 -6.91 -6.15
C ALA A 586 -6.65 -6.50 -4.75
N ILE A 587 -6.10 -5.40 -4.24
CA ILE A 587 -6.45 -4.93 -2.89
C ILE A 587 -7.91 -4.52 -2.83
N GLY A 588 -8.38 -3.79 -3.85
CA GLY A 588 -9.79 -3.43 -3.88
C GLY A 588 -10.69 -4.64 -3.99
N THR A 589 -10.27 -5.63 -4.77
CA THR A 589 -11.09 -6.83 -4.92
C THR A 589 -11.21 -7.57 -3.59
N TRP A 590 -10.11 -7.69 -2.83
CA TRP A 590 -10.24 -8.40 -1.55
C TRP A 590 -10.83 -7.51 -0.46
N ALA A 591 -10.80 -6.19 -0.62
CA ALA A 591 -11.59 -5.33 0.26
C ALA A 591 -13.08 -5.56 0.03
N VAL A 592 -13.48 -5.75 -1.23
CA VAL A 592 -14.85 -6.16 -1.54
C VAL A 592 -15.14 -7.53 -0.91
N THR A 593 -14.20 -8.47 -1.04
CA THR A 593 -14.46 -9.85 -0.67
C THR A 593 -14.75 -10.01 0.82
N ILE A 594 -14.01 -9.29 1.66
CA ILE A 594 -14.17 -9.47 3.11
C ILE A 594 -15.35 -8.63 3.60
N GLY A 595 -16.07 -8.00 2.68
CA GLY A 595 -17.39 -7.44 3.00
C GLY A 595 -17.53 -5.93 2.93
N LEU A 596 -16.52 -5.22 2.38
CA LEU A 596 -16.54 -3.78 2.52
C LEU A 596 -17.03 -3.09 1.25
N PRO A 597 -17.74 -1.97 1.39
CA PRO A 597 -17.91 -1.06 0.26
C PRO A 597 -16.58 -0.43 -0.10
N THR A 598 -16.21 -0.51 -1.38
CA THR A 598 -14.85 -0.23 -1.82
C THR A 598 -14.89 0.62 -3.08
N HIS A 599 -14.53 1.89 -2.94
CA HIS A 599 -14.47 2.84 -4.04
C HIS A 599 -13.12 2.79 -4.75
N ILE A 600 -13.16 3.02 -6.07
CA ILE A 600 -11.96 3.26 -6.85
C ILE A 600 -12.16 4.52 -7.70
N GLY A 601 -11.20 5.44 -7.63
CA GLY A 601 -11.28 6.71 -8.31
C GLY A 601 -10.60 6.77 -9.66
N VAL A 602 -10.16 5.63 -10.19
CA VAL A 602 -9.64 5.53 -11.54
C VAL A 602 -10.51 4.51 -12.28
N LEU A 603 -10.71 4.73 -13.57
CA LEU A 603 -11.46 3.79 -14.36
C LEU A 603 -10.78 2.42 -14.34
N PRO A 604 -11.46 1.37 -13.92
CA PRO A 604 -10.94 0.02 -14.08
C PRO A 604 -11.31 -0.53 -15.45
N PRO A 605 -10.53 -1.45 -15.99
CA PRO A 605 -10.83 -2.00 -17.32
C PRO A 605 -11.99 -3.00 -17.30
N ILE A 606 -13.16 -2.52 -16.88
CA ILE A 606 -14.35 -3.34 -16.81
C ILE A 606 -15.52 -2.77 -17.60
N THR A 607 -15.43 -1.51 -18.04
CA THR A 607 -16.59 -0.83 -18.61
C THR A 607 -17.11 -1.49 -19.89
N GLY A 608 -16.28 -2.29 -20.56
CA GLY A 608 -16.69 -2.88 -21.82
C GLY A 608 -17.74 -3.96 -21.70
N SER A 609 -18.00 -4.46 -20.50
CA SER A 609 -19.02 -5.48 -20.29
C SER A 609 -19.94 -5.03 -19.16
N LEU A 610 -21.17 -4.66 -19.51
CA LEU A 610 -22.16 -4.33 -18.49
C LEU A 610 -22.40 -5.46 -17.49
N PRO A 611 -22.47 -6.74 -17.88
CA PRO A 611 -22.62 -7.79 -16.86
C PRO A 611 -21.50 -7.83 -15.83
N VAL A 612 -20.24 -7.69 -16.27
CA VAL A 612 -19.12 -7.76 -15.34
C VAL A 612 -19.14 -6.58 -14.38
N THR A 613 -19.39 -5.38 -14.90
CA THR A 613 -19.51 -4.20 -14.04
C THR A 613 -20.67 -4.37 -13.06
N GLN A 614 -21.78 -4.93 -13.52
CA GLN A 614 -22.92 -5.18 -12.65
C GLN A 614 -22.56 -6.12 -11.51
N ILE A 615 -21.81 -7.19 -11.81
CA ILE A 615 -21.38 -8.11 -10.76
C ILE A 615 -20.48 -7.39 -9.77
N LEU A 616 -19.49 -6.64 -10.28
CA LEU A 616 -18.55 -5.98 -9.37
C LEU A 616 -19.19 -4.87 -8.55
N THR A 617 -20.32 -4.31 -9.00
CA THR A 617 -20.93 -3.19 -8.29
C THR A 617 -22.20 -3.61 -7.56
N SER A 618 -23.05 -4.46 -8.15
CA SER A 618 -24.31 -4.84 -7.53
C SER A 618 -24.36 -6.27 -6.99
N SER A 619 -24.19 -7.26 -7.86
CA SER A 619 -24.41 -8.64 -7.45
C SER A 619 -23.48 -9.20 -6.39
N VAL A 620 -22.24 -8.71 -6.31
CA VAL A 620 -21.29 -9.20 -5.32
C VAL A 620 -21.76 -8.89 -3.90
N LYS A 621 -22.64 -7.90 -3.73
CA LYS A 621 -23.24 -7.65 -2.42
C LYS A 621 -23.93 -8.89 -1.89
N ASP A 622 -24.48 -9.72 -2.78
CA ASP A 622 -25.20 -10.92 -2.39
C ASP A 622 -24.28 -12.11 -2.15
N ILE A 623 -22.98 -11.95 -2.36
CA ILE A 623 -22.02 -13.03 -2.20
C ILE A 623 -21.05 -12.76 -1.06
N THR A 624 -20.52 -11.54 -0.97
CA THR A 624 -19.58 -11.18 0.09
C THR A 624 -20.07 -10.06 0.99
N GLY A 625 -21.12 -9.33 0.60
CA GLY A 625 -21.56 -8.17 1.33
C GLY A 625 -20.87 -6.89 0.93
N GLY A 626 -19.67 -6.98 0.35
CA GLY A 626 -19.02 -5.82 -0.21
C GLY A 626 -19.45 -5.56 -1.64
N TYR A 627 -19.07 -4.38 -2.14
CA TYR A 627 -19.36 -4.00 -3.51
C TYR A 627 -18.43 -2.87 -3.90
N PHE A 628 -18.19 -2.75 -5.20
CA PHE A 628 -17.36 -1.68 -5.73
C PHE A 628 -18.19 -0.42 -5.96
N ILE A 629 -17.53 0.71 -5.82
CA ILE A 629 -18.09 2.03 -6.12
C ILE A 629 -17.11 2.67 -7.08
N VAL A 630 -17.46 2.71 -8.36
CA VAL A 630 -16.62 3.30 -9.39
C VAL A 630 -17.15 4.69 -9.67
N GLU A 631 -16.49 5.70 -9.11
CA GLU A 631 -16.82 7.10 -9.36
C GLU A 631 -15.53 7.86 -9.60
N LEU A 632 -15.42 8.50 -10.76
CA LEU A 632 -14.25 9.31 -11.07
C LEU A 632 -14.36 10.73 -10.52
N ASP A 633 -15.55 11.15 -10.10
CA ASP A 633 -15.72 12.47 -9.52
C ASP A 633 -15.57 12.37 -8.00
N PRO A 634 -14.54 12.97 -7.41
CA PRO A 634 -14.33 12.80 -5.95
C PRO A 634 -15.47 13.32 -5.09
N GLU A 635 -16.18 14.36 -5.52
CA GLU A 635 -17.34 14.83 -4.77
C GLU A 635 -18.43 13.76 -4.71
N THR A 636 -18.82 13.24 -5.87
CA THR A 636 -19.82 12.19 -5.93
C THR A 636 -19.32 10.93 -5.25
N ALA A 637 -18.01 10.63 -5.39
CA ALA A 637 -17.43 9.49 -4.70
C ALA A 637 -17.55 9.63 -3.19
N ALA A 638 -17.29 10.83 -2.66
CA ALA A 638 -17.41 11.06 -1.23
C ALA A 638 -18.84 10.95 -0.75
N ASP A 639 -19.80 11.47 -1.53
CA ASP A 639 -21.21 11.29 -1.16
C ASP A 639 -21.61 9.83 -1.19
N LYS A 640 -21.13 9.07 -2.18
CA LYS A 640 -21.47 7.66 -2.26
C LYS A 640 -20.86 6.88 -1.10
N LEU A 641 -19.63 7.22 -0.71
CA LEU A 641 -19.02 6.61 0.47
C LEU A 641 -19.79 6.98 1.74
N LEU A 642 -20.21 8.24 1.85
CA LEU A 642 -21.01 8.67 2.99
C LEU A 642 -22.31 7.88 3.07
N ALA A 643 -22.97 7.68 1.92
CA ALA A 643 -24.20 6.92 1.88
C ALA A 643 -23.97 5.45 2.21
N ALA A 644 -22.83 4.89 1.81
CA ALA A 644 -22.53 3.51 2.20
C ALA A 644 -22.36 3.39 3.71
N ILE A 645 -21.62 4.32 4.31
CA ILE A 645 -21.44 4.32 5.76
C ILE A 645 -22.77 4.49 6.46
N ASN A 646 -23.63 5.37 5.93
CA ASN A 646 -24.93 5.62 6.54
C ASN A 646 -25.86 4.44 6.36
N GLU A 647 -25.75 3.73 5.23
CA GLU A 647 -26.47 2.47 5.06
C GLU A 647 -26.09 1.48 6.14
N ARG A 648 -24.78 1.32 6.38
CA ARG A 648 -24.34 0.38 7.39
C ARG A 648 -24.79 0.82 8.79
N ARG A 649 -24.76 2.12 9.06
CA ARG A 649 -25.34 2.62 10.31
C ARG A 649 -26.82 2.27 10.42
N ALA A 650 -27.56 2.42 9.32
CA ALA A 650 -28.99 2.12 9.35
C ALA A 650 -29.24 0.64 9.60
N GLY A 651 -28.43 -0.23 9.01
CA GLY A 651 -28.57 -1.66 9.26
C GLY A 651 -28.32 -2.04 10.71
N LEU A 652 -27.58 -1.22 11.44
CA LEU A 652 -27.32 -1.42 12.86
C LEU A 652 -28.32 -0.67 13.74
N GLY A 653 -29.32 -0.05 13.16
CA GLY A 653 -30.34 0.65 13.92
C GLY A 653 -29.79 1.83 14.72
N LEU A 654 -28.96 2.64 14.09
CA LEU A 654 -28.30 3.76 14.74
C LEU A 654 -28.69 5.08 14.07
N PRO A 655 -28.54 6.20 14.78
CA PRO A 655 -28.75 7.51 14.15
C PRO A 655 -27.74 7.74 13.02
N TRP A 656 -28.17 8.49 12.02
CA TRP A 656 -27.26 9.03 11.01
C TRP A 656 -27.90 10.26 10.37
FE1 SF4 B . -9.10 -15.96 -28.20
FE2 SF4 B . -7.64 -14.21 -26.68
FE3 SF4 B . -8.77 -13.37 -29.02
FE4 SF4 B . -6.65 -15.11 -29.06
S1 SF4 B . -6.64 -12.96 -28.30
S2 SF4 B . -8.56 -15.26 -30.28
S3 SF4 B . -7.08 -16.35 -27.20
S4 SF4 B . -9.86 -14.07 -27.15
FE1 FES C . -5.41 -3.92 -27.45
FE2 FES C . -5.57 -1.28 -27.76
S1 FES C . -6.42 -2.82 -29.12
S2 FES C . -5.33 -2.36 -25.86
FE1 XCC D . 2.48 3.68 -3.97
FE2 XCC D . 2.98 0.43 -2.50
FE3 XCC D . 0.51 2.24 -5.57
FE4 XCC D . 3.05 1.49 -5.38
S1 XCC D . 1.16 0.06 -5.50
S2 XCC D . 2.33 3.54 -6.31
S4 XCC D . 0.50 2.67 -3.28
S3 XCC D . 4.12 2.17 -3.44
NI XCC D . -0.02 0.29 -3.68
C1 PGE E . -5.10 1.76 -31.37
O1 PGE E . -5.92 1.10 -32.28
C2 PGE E . -5.71 3.14 -31.10
O2 PGE E . -4.79 3.94 -30.41
C3 PGE E . -5.33 5.14 -29.92
C4 PGE E . -6.15 5.84 -31.01
O4 PGE E . -9.67 3.78 -30.13
C6 PGE E . -8.92 4.84 -29.62
C5 PGE E . -8.48 5.77 -30.77
O3 PGE E . -7.29 6.41 -30.44
C10 S7L F . -14.97 6.11 -21.81
C13 S7L F . -15.15 8.42 -17.55
C15 S7L F . -15.55 11.18 -17.05
C17 S7L F . -16.25 11.14 -15.85
C20 S7L F . -18.85 2.74 -22.22
C21 S7L F . -17.52 11.68 -15.78
C22 S7L F . -18.83 0.03 -22.84
C24 S7L F . -19.99 1.96 -22.01
C26 S7L F . -19.96 0.62 -22.32
C03 S7L F . -14.96 7.31 -19.62
C04 S7L F . -15.33 6.12 -20.50
C05 S7L F . -14.15 10.57 -17.17
C06 S7L F . -16.40 2.93 -22.99
C07 S7L F . -14.23 8.34 -20.12
C08 S7L F . -16.05 5.11 -19.98
C09 S7L F . -15.44 7.34 -18.36
C11 S7L F . -13.95 9.43 -19.30
C12 S7L F . -16.41 4.03 -20.78
C14 S7L F . -15.33 5.03 -22.61
C16 S7L F . -17.70 2.15 -22.72
C18 S7L F . -17.69 0.80 -23.03
C19 S7L F . -16.13 11.74 -18.17
C23 S7L F . -17.40 12.28 -18.11
C25 S7L F . -18.10 12.25 -16.91
N01 S7L F . -14.41 9.44 -18.03
N02 S7L F . -16.05 4.01 -22.09
#